data_6NY3
#
_entry.id   6NY3
#
_cell.length_a   1
_cell.length_b   1
_cell.length_c   1
_cell.angle_alpha   90.00
_cell.angle_beta   90.00
_cell.angle_gamma   90.00
#
_symmetry.space_group_name_H-M   'P 1'
#
loop_
_entity.id
_entity.type
_entity.pdbx_description
1 polymer 'DNA target strand'
2 polymer 'DNA Non-target strand'
3 polymer CasX
4 polymer gRNA
#
loop_
_entity_poly.entity_id
_entity_poly.type
_entity_poly.pdbx_seq_one_letter_code
_entity_poly.pdbx_strand_id
1 'polydeoxyribonucleotide'
;(DT)(DT)(DT)(DG)(DA)(DT)(DT)(DT)(DT)(DC)(DT)(DG)(DC)(DT)(DG)(DC)(DA)(DG)(DG)(DA)
(DT)(DG)(DA)(DA)(DA)(DT)(DC)(DC)(DC)(DG)
;
C
2 'polydeoxyribonucleotide'
;(DC)(DG)(DG)(DG)(DA)(DT)(DT)(DT)(DC)(DA)(DT)(DC)(DC)(DT)(DG)(DC)(DA)(DG)(DC)(DA)
(DT)(DC)(DC)(DC)(DC)(DG)(DA)(DC)(DC)(DC)
;
D
3 'polypeptide(L)'
;MEKRINKIRKKLSADNATKPVSRSGPMKTLLVRVMTDDLKKRLEKRRKKPEVMPQVISNNAANNLRMLLDDYTKMKEAIL
QVYWQEFKDDHVGLMCKFAQPAS(UNK)(UNK)(UNK)(UNK)(UNK)(UNK)(UNK)(UNK)(UNK)(UNK)(UNK)
(UNK)(UNK)(UNK)(UNK)(UNK)(UNK)(UNK)(UNK)(UNK)(UNK)(UNK)(UNK)(UNK)(UNK)(UNK)(UNK)
(UNK)(UNK)(UNK)(UNK)(UNK)(UNK)(UNK)(UNK)(UNK)(UNK)(UNK)(UNK)(UNK)(UNK)(UNK)(UNK)
(UNK)(UNK)(UNK)(UNK)(UNK)(UNK)(UNK)(UNK)(UNK)(UNK)(UNK)(UNK)(UNK)(UNK)(UNK)(UNK)
(UNK)(UNK)(UNK)(UNK)(UNK)(UNK)(UNK)(UNK)(UNK)(UNK)(UNK)(UNK)(UNK)(UNK)(UNK)(UNK)
(UNK)(UNK)(UNK)(UNK)(UNK)(UNK)(UNK)GKFGQRALDFYSIHVTKESTHPVKPLAQIAGNRYASGPVGKALSD
ACMGTIASFLSKYQDIIIEHQKVVKGNQKRLESLRELAGKENLEYPSVTLPPQPHTKEGVDAYNEVIARVRMWVNLNLWQ
KLKLSRDDAKPLLRLKGFPSFPVVERRENEVDWWNTINEVKKLIDAKRDMGRVFWSGVTAEKRNTILEGYNYLPNENDHK
KREGSLENPKKPAKRQFGDLLLYLEKKYAGDWGKVFDEAWERIDKKIAGLTSHIEREEARNAEDAQSKAVLTDWLRAKAS
FVLERLKEMDEKEFYACEIQLQKWYGDLRGNPFAVEAENRVVDISGFSIGSDGHSIQYRNLLAWKYLENGKREFYLLMNY
GKKGRIRFTDGTDIKKSGKWQGLLYGGGKAKVIDLTFDPDDEQLIILPLAFGTRQGREFIWNDLLSLETGLIKLANGRVI
EKTIYNKKIGRDEPALFVALTFERREVVDPSNIKPVNLIGVARGENIPAVIALTDPEGCPLPEFKDSSGGPTDILRIGEG
YKEKQRAIQAAKEVEQRRAGGYSRKFASKSRNLADDMVRNSARDLFYHAVTHDAVLVFANLSRGFGRQGKRTFMTERQYT
KMEDWLTAKLAYEGLTSKTYLSKTLAQYTSKTCSNCGF(UNK)(UNK)(UNK)(UNK)(UNK)(UNK)(UNK)(UNK)
(UNK)(UNK)(UNK)(UNK)(UNK)(UNK)(UNK)(UNK)(UNK)(UNK)(UNK)(UNK)(UNK)(UNK)(UNK)(UNK)
(UNK)(UNK)(UNK)(UNK)(UNK)(UNK)(UNK)(UNK)(UNK)(UNK)(UNK)(UNK)(UNK)(UNK)(UNK)(UNK)
(UNK)(UNK)(UNK)(UNK)(UNK)(UNK)(UNK)(UNK)(UNK)(UNK)(UNK)(UNK)(UNK)(UNK)(UNK)(UNK)
(UNK)(UNK)(UNK)(UNK)(UNK)(UNK)(UNK)(UNK)(UNK)(UNK)(UNK)(UNK)(UNK)(UNK)(UNK)(UNK)
(UNK)(UNK)(UNK)(UNK)(UNK)(UNK)(UNK)(UNK)(UNK)(UNK)(UNK)(UNK)RFSHRPVQEQFVCLDCGHEV
HAAEQAALNIARSWLFLNSNSTEFKSYKSGKQPFVGAWQAFYKRRLKEVWKPNA
;
Y
4 'polyribonucleotide'
;GGCGCGUUUAUUCCAUUACUUUGGAGCCAGUCCCAGCGACUAUGUCGUAUGGACGAAGCGCUUAUUUAUCGGAGAGAAAC
CGAUAAGUAAAACGCAUCAAAGUCCUGCAGCAGAAAAUCAAA
;
B
#
# COMPACT_ATOMS: atom_id res chain seq x y z
N GLU C 2 24.96 23.67 -3.67
CA GLU C 2 25.64 22.39 -3.82
C GLU C 2 24.73 21.26 -3.38
N LYS C 3 23.45 21.57 -3.21
CA LYS C 3 22.52 20.68 -2.53
C LYS C 3 21.62 19.92 -3.49
N ARG C 4 21.65 20.27 -4.77
CA ARG C 4 20.64 19.78 -5.71
C ARG C 4 20.98 18.36 -6.15
N ILE C 5 19.97 17.58 -6.55
CA ILE C 5 20.21 16.21 -6.98
C ILE C 5 20.79 16.16 -8.39
N ASN C 6 20.72 17.24 -9.15
CA ASN C 6 21.29 17.20 -10.50
C ASN C 6 22.71 17.75 -10.50
N LYS C 7 23.21 18.12 -9.33
CA LYS C 7 24.62 18.48 -9.23
C LYS C 7 25.42 17.27 -8.76
N ILE C 8 24.79 16.40 -7.97
CA ILE C 8 25.47 15.20 -7.50
C ILE C 8 25.64 14.20 -8.63
N ARG C 9 24.66 14.10 -9.52
CA ARG C 9 24.81 13.20 -10.65
C ARG C 9 25.84 13.69 -11.65
N LYS C 10 26.00 15.00 -11.81
CA LYS C 10 27.10 15.51 -12.60
C LYS C 10 28.41 15.55 -11.83
N LYS C 11 28.39 15.29 -10.53
CA LYS C 11 29.63 15.00 -9.83
C LYS C 11 30.03 13.55 -9.99
N LEU C 12 29.05 12.65 -10.04
CA LEU C 12 29.34 11.23 -10.20
C LEU C 12 29.78 10.91 -11.62
N SER C 13 29.00 11.33 -12.61
CA SER C 13 29.28 10.96 -13.98
C SER C 13 30.34 11.84 -14.64
N ALA C 14 31.10 12.62 -13.88
CA ALA C 14 32.22 13.37 -14.41
C ALA C 14 33.49 13.08 -13.62
N ASP C 15 33.52 11.96 -12.91
CA ASP C 15 34.71 11.54 -12.21
C ASP C 15 35.24 10.18 -12.67
N ASN C 16 34.37 9.21 -12.93
CA ASN C 16 34.78 7.89 -13.35
C ASN C 16 34.07 7.54 -14.65
N ALA C 17 34.53 6.48 -15.30
CA ALA C 17 34.18 6.23 -16.69
C ALA C 17 32.78 5.64 -16.81
N THR C 18 32.33 5.48 -18.06
CA THR C 18 30.99 5.02 -18.37
C THR C 18 31.07 3.69 -19.11
N LYS C 19 30.21 2.75 -18.73
CA LYS C 19 30.16 1.45 -19.40
C LYS C 19 28.76 1.26 -19.96
N PRO C 20 28.63 0.56 -21.08
CA PRO C 20 27.29 0.20 -21.55
C PRO C 20 26.68 -0.88 -20.66
N VAL C 21 25.35 -0.89 -20.61
CA VAL C 21 24.66 -1.87 -19.78
C VAL C 21 24.73 -3.23 -20.44
N SER C 22 24.52 -4.28 -19.66
CA SER C 22 24.71 -5.65 -20.14
C SER C 22 23.51 -6.15 -20.94
N ARG C 23 22.37 -6.33 -20.27
CA ARG C 23 21.17 -6.85 -20.93
C ARG C 23 20.02 -5.87 -20.91
N SER C 24 19.69 -5.28 -19.77
CA SER C 24 18.72 -4.21 -19.69
C SER C 24 19.36 -3.05 -18.92
N GLY C 25 18.61 -1.98 -18.77
CA GLY C 25 19.11 -0.85 -18.03
C GLY C 25 18.12 -0.41 -16.99
N PRO C 26 18.43 0.65 -16.28
CA PRO C 26 17.45 1.23 -15.36
C PRO C 26 16.40 1.99 -16.13
N MET C 27 15.18 1.99 -15.63
CA MET C 27 14.05 2.59 -16.32
C MET C 27 13.51 3.79 -15.56
N LYS C 28 13.35 4.90 -16.25
CA LYS C 28 12.64 6.06 -15.72
C LYS C 28 11.36 6.23 -16.50
N THR C 29 10.58 7.27 -16.16
CA THR C 29 9.45 7.65 -16.99
C THR C 29 9.04 9.11 -16.78
N LEU C 30 8.58 9.72 -17.86
CA LEU C 30 7.87 10.98 -17.81
C LEU C 30 6.49 10.76 -17.22
N LEU C 31 5.85 11.85 -16.81
CA LEU C 31 4.40 11.89 -16.64
C LEU C 31 3.99 13.29 -17.07
N VAL C 32 3.71 13.45 -18.35
CA VAL C 32 3.39 14.75 -18.90
C VAL C 32 1.91 14.81 -19.18
N ARG C 33 1.42 16.00 -19.45
CA ARG C 33 0.00 16.22 -19.69
C ARG C 33 -0.19 16.86 -21.05
N VAL C 34 -1.22 16.43 -21.77
CA VAL C 34 -1.51 17.02 -23.07
C VAL C 34 -2.25 18.34 -22.83
N MET C 35 -2.06 19.27 -23.75
CA MET C 35 -2.65 20.60 -23.57
C MET C 35 -4.13 20.51 -23.85
N THR C 36 -4.95 20.23 -22.84
CA THR C 36 -6.34 19.86 -23.12
C THR C 36 -7.16 21.04 -23.60
N ASP C 37 -7.53 21.95 -22.72
CA ASP C 37 -7.82 23.30 -23.16
C ASP C 37 -7.31 24.29 -22.13
N ASP C 38 -7.50 23.93 -20.86
CA ASP C 38 -7.28 24.88 -19.78
C ASP C 38 -5.80 25.12 -19.51
N LEU C 39 -4.92 24.30 -20.09
CA LEU C 39 -3.51 24.63 -20.07
C LEU C 39 -3.18 25.73 -21.08
N LYS C 40 -4.10 26.06 -21.98
CA LYS C 40 -3.98 27.28 -22.74
C LYS C 40 -4.69 28.44 -22.07
N LYS C 41 -5.68 28.16 -21.23
CA LYS C 41 -6.27 29.24 -20.43
C LYS C 41 -5.31 29.69 -19.35
N ARG C 42 -4.50 28.78 -18.83
CA ARG C 42 -3.53 29.13 -17.79
C ARG C 42 -2.35 29.91 -18.33
N LEU C 43 -2.24 30.06 -19.65
CA LEU C 43 -1.20 30.92 -20.20
C LEU C 43 -1.72 32.31 -20.56
N GLU C 44 -2.98 32.44 -20.95
CA GLU C 44 -3.54 33.78 -21.14
C GLU C 44 -4.20 34.29 -19.88
N LYS C 45 -3.53 34.10 -18.74
CA LYS C 45 -3.95 34.70 -17.49
C LYS C 45 -2.73 35.15 -16.70
N ARG C 46 -1.54 34.97 -17.24
CA ARG C 46 -0.31 35.36 -16.57
C ARG C 46 -0.04 36.85 -16.81
N ARG C 47 0.94 37.39 -16.09
CA ARG C 47 1.37 38.76 -16.31
C ARG C 47 2.20 38.87 -17.58
N LYS C 48 3.31 38.14 -17.64
CA LYS C 48 4.13 38.10 -18.84
C LYS C 48 3.61 37.04 -19.80
N LYS C 49 2.97 37.48 -20.88
CA LYS C 49 2.36 36.58 -21.83
C LYS C 49 3.42 35.93 -22.71
N PRO C 50 3.23 34.67 -23.10
CA PRO C 50 4.20 34.03 -23.99
C PRO C 50 4.11 34.57 -25.40
N GLU C 51 5.18 34.35 -26.17
CA GLU C 51 5.24 34.92 -27.50
C GLU C 51 4.41 34.11 -28.50
N VAL C 52 4.45 32.78 -28.39
CA VAL C 52 3.73 31.89 -29.31
C VAL C 52 2.79 31.03 -28.47
N MET C 53 1.49 31.23 -28.67
CA MET C 53 0.47 30.40 -28.04
C MET C 53 0.64 28.99 -28.57
N PRO C 54 0.89 27.99 -27.72
CA PRO C 54 1.53 26.75 -28.18
C PRO C 54 0.73 25.88 -29.15
N GLN C 55 -0.31 25.21 -28.68
CA GLN C 55 -1.28 24.39 -29.43
C GLN C 55 -2.21 23.77 -28.39
N VAL C 56 -3.23 23.07 -28.87
CA VAL C 56 -4.10 22.27 -27.99
C VAL C 56 -4.40 20.95 -28.68
N ILE C 57 -5.13 20.09 -27.98
CA ILE C 57 -5.78 18.94 -28.62
C ILE C 57 -6.74 19.48 -29.66
N SER C 58 -6.63 18.98 -30.89
CA SER C 58 -7.22 19.66 -32.02
C SER C 58 -8.68 19.32 -32.26
N ASN C 59 -9.40 18.94 -31.20
CA ASN C 59 -10.86 18.83 -31.08
C ASN C 59 -11.42 17.64 -31.87
N ASN C 60 -10.57 16.99 -32.66
CA ASN C 60 -10.90 15.70 -33.25
C ASN C 60 -9.85 14.66 -32.94
N ALA C 61 -8.78 15.06 -32.25
CA ALA C 61 -7.93 14.08 -31.60
C ALA C 61 -8.57 13.60 -30.31
N ALA C 62 -9.32 14.46 -29.63
CA ALA C 62 -9.96 14.03 -28.38
C ALA C 62 -11.10 13.06 -28.64
N ASN C 63 -11.80 13.22 -29.76
CA ASN C 63 -12.88 12.29 -30.10
C ASN C 63 -12.34 10.90 -30.42
N ASN C 64 -11.28 10.83 -31.23
CA ASN C 64 -10.65 9.56 -31.52
C ASN C 64 -10.00 8.95 -30.30
N LEU C 65 -9.46 9.77 -29.40
CA LEU C 65 -8.85 9.23 -28.19
C LEU C 65 -9.89 8.67 -27.24
N ARG C 66 -11.06 9.34 -27.14
CA ARG C 66 -12.12 8.80 -26.30
C ARG C 66 -12.67 7.50 -26.88
N MET C 67 -12.77 7.44 -28.21
CA MET C 67 -13.25 6.20 -28.84
C MET C 67 -12.25 5.07 -28.64
N LEU C 68 -10.96 5.38 -28.72
CA LEU C 68 -9.93 4.36 -28.56
C LEU C 68 -9.88 3.85 -27.12
N LEU C 69 -9.98 4.76 -26.15
CA LEU C 69 -9.95 4.35 -24.75
C LEU C 69 -11.17 3.52 -24.38
N ASP C 70 -12.35 3.88 -24.89
CA ASP C 70 -13.54 3.11 -24.59
C ASP C 70 -13.48 1.72 -25.23
N ASP C 71 -13.02 1.64 -26.49
CA ASP C 71 -12.92 0.35 -27.14
C ASP C 71 -11.84 -0.51 -26.52
N TYR C 72 -10.77 0.10 -26.04
CA TYR C 72 -9.69 -0.66 -25.41
C TYR C 72 -10.14 -1.24 -24.08
N THR C 73 -10.84 -0.45 -23.27
CA THR C 73 -11.29 -0.97 -21.99
C THR C 73 -12.35 -2.06 -22.18
N LYS C 74 -13.22 -1.94 -23.18
CA LYS C 74 -14.19 -3.00 -23.43
C LYS C 74 -13.52 -4.28 -23.94
N MET C 75 -12.46 -4.14 -24.74
CA MET C 75 -11.75 -5.32 -25.23
C MET C 75 -11.03 -6.05 -24.11
N LYS C 76 -10.32 -5.31 -23.26
CA LYS C 76 -9.61 -5.89 -22.13
C LYS C 76 -10.58 -6.56 -21.17
N GLU C 77 -11.76 -5.98 -20.98
CA GLU C 77 -12.74 -6.61 -20.10
C GLU C 77 -13.33 -7.88 -20.70
N ALA C 78 -13.50 -7.94 -22.02
CA ALA C 78 -14.05 -9.17 -22.60
C ALA C 78 -13.05 -10.31 -22.56
N ILE C 79 -11.77 -10.00 -22.74
CA ILE C 79 -10.74 -11.05 -22.62
C ILE C 79 -10.65 -11.55 -21.19
N LEU C 80 -10.69 -10.66 -20.20
CA LEU C 80 -10.63 -11.14 -18.83
C LEU C 80 -11.91 -11.88 -18.45
N GLN C 81 -13.03 -11.59 -19.11
CA GLN C 81 -14.23 -12.39 -18.90
C GLN C 81 -14.07 -13.82 -19.40
N VAL C 82 -13.52 -14.00 -20.60
CA VAL C 82 -13.43 -15.38 -21.10
C VAL C 82 -12.36 -16.15 -20.35
N TYR C 83 -11.31 -15.49 -19.86
CA TYR C 83 -10.36 -16.26 -19.07
C TYR C 83 -10.83 -16.46 -17.63
N TRP C 84 -11.76 -15.65 -17.13
CA TRP C 84 -12.41 -15.99 -15.87
C TRP C 84 -13.27 -17.22 -16.00
N GLN C 85 -14.02 -17.33 -17.09
CA GLN C 85 -14.84 -18.53 -17.27
C GLN C 85 -13.96 -19.75 -17.58
N GLU C 86 -12.74 -19.52 -18.06
CA GLU C 86 -11.78 -20.63 -18.14
C GLU C 86 -11.25 -21.00 -16.77
N PHE C 87 -10.95 -20.01 -15.93
CA PHE C 87 -10.32 -20.28 -14.63
C PHE C 87 -11.29 -20.93 -13.66
N LYS C 88 -12.60 -20.68 -13.81
CA LYS C 88 -13.55 -21.27 -12.88
C LYS C 88 -13.84 -22.74 -13.17
N ASP C 89 -13.15 -23.36 -14.12
CA ASP C 89 -13.35 -24.78 -14.34
C ASP C 89 -12.09 -25.59 -14.04
N ASP C 90 -10.95 -25.18 -14.59
CA ASP C 90 -9.69 -25.87 -14.31
C ASP C 90 -8.75 -24.86 -13.69
N HIS C 91 -8.62 -24.86 -12.36
CA HIS C 91 -7.57 -24.08 -11.73
C HIS C 91 -6.20 -24.53 -12.21
N VAL C 92 -5.95 -25.84 -12.13
CA VAL C 92 -4.65 -26.39 -12.49
C VAL C 92 -4.43 -26.37 -13.99
N GLY C 93 -5.51 -26.41 -14.78
CA GLY C 93 -5.37 -26.32 -16.22
C GLY C 93 -4.87 -24.96 -16.67
N LEU C 94 -5.46 -23.90 -16.14
CA LEU C 94 -4.98 -22.56 -16.45
C LEU C 94 -3.60 -22.31 -15.85
N MET C 95 -3.33 -22.86 -14.66
CA MET C 95 -2.00 -22.65 -14.07
C MET C 95 -0.93 -23.36 -14.88
N CYS C 96 -1.23 -24.52 -15.44
CA CYS C 96 -0.25 -25.21 -16.28
C CYS C 96 -0.16 -24.57 -17.65
N LYS C 97 -1.19 -23.83 -18.06
CA LYS C 97 -1.15 -23.19 -19.37
C LYS C 97 -0.24 -21.97 -19.37
N PHE C 98 -0.33 -21.14 -18.33
CA PHE C 98 0.49 -19.93 -18.24
C PHE C 98 1.83 -20.20 -17.60
N ALA C 99 2.57 -21.25 -17.96
CA ALA C 99 3.66 -21.58 -17.06
C ALA C 99 4.89 -20.75 -17.32
N GLN C 100 5.63 -21.10 -18.38
CA GLN C 100 6.59 -20.34 -19.18
C GLN C 100 7.17 -21.35 -20.16
N PRO C 101 7.89 -20.92 -21.19
CA PRO C 101 8.90 -21.79 -21.77
C PRO C 101 10.10 -21.83 -20.84
N ALA C 102 10.98 -22.81 -21.06
CA ALA C 102 12.17 -22.87 -20.21
C ALA C 102 13.18 -21.82 -20.63
N SER C 103 13.75 -22.00 -21.83
CA SER C 103 14.69 -21.12 -22.56
C SER C 103 15.16 -21.91 -23.77
N UNK C 104 16.46 -21.90 -23.99
CA UNK C 104 17.12 -22.80 -24.91
C UNK C 104 18.21 -23.54 -24.14
N UNK C 105 17.80 -24.49 -23.31
CA UNK C 105 18.74 -25.27 -22.51
C UNK C 105 19.29 -26.43 -23.33
N UNK C 106 19.30 -27.64 -22.79
CA UNK C 106 19.90 -28.78 -23.48
C UNK C 106 19.39 -30.14 -22.99
N UNK C 107 20.32 -30.99 -22.57
CA UNK C 107 20.01 -32.32 -22.05
C UNK C 107 20.33 -32.38 -20.57
N UNK C 108 19.28 -32.24 -19.76
CA UNK C 108 19.41 -32.28 -18.31
C UNK C 108 19.32 -33.72 -17.80
N UNK C 109 19.34 -33.89 -16.49
CA UNK C 109 19.32 -35.22 -15.88
C UNK C 109 17.92 -35.82 -15.86
N UNK C 110 17.61 -36.56 -14.79
CA UNK C 110 16.28 -37.08 -14.57
C UNK C 110 16.08 -37.26 -13.09
N UNK C 111 14.83 -37.38 -12.66
CA UNK C 111 14.49 -37.62 -11.26
C UNK C 111 13.09 -38.19 -11.14
N UNK C 112 12.75 -39.08 -12.06
CA UNK C 112 11.44 -39.74 -12.03
C UNK C 112 11.40 -40.81 -10.93
N UNK C 113 12.59 -41.25 -10.50
CA UNK C 113 12.73 -42.20 -9.41
C UNK C 113 12.33 -41.57 -8.08
N UNK C 114 11.20 -42.04 -7.54
CA UNK C 114 10.62 -41.58 -6.27
C UNK C 114 10.34 -40.07 -6.21
N UNK C 115 10.05 -39.46 -7.37
CA UNK C 115 9.67 -38.06 -7.46
C UNK C 115 8.93 -37.82 -8.77
N UNK C 116 7.72 -37.26 -8.68
CA UNK C 116 6.92 -36.99 -9.87
C UNK C 116 6.77 -35.49 -10.08
N UNK C 117 5.70 -34.94 -9.53
CA UNK C 117 5.43 -33.51 -9.58
C UNK C 117 4.44 -33.15 -8.50
N UNK C 118 3.19 -32.93 -8.90
CA UNK C 118 2.10 -32.67 -7.98
C UNK C 118 0.76 -33.04 -8.61
N UNK C 119 -0.01 -32.03 -9.00
CA UNK C 119 -1.31 -32.26 -9.61
C UNK C 119 -1.31 -31.78 -11.06
N UNK C 123 5.12 -33.20 -15.33
CA UNK C 123 4.66 -34.33 -14.53
C UNK C 123 5.77 -35.34 -14.29
N UNK C 124 7.02 -34.93 -14.55
CA UNK C 124 8.19 -35.76 -14.29
C UNK C 124 9.38 -34.87 -14.02
N UNK C 125 9.46 -34.34 -12.80
CA UNK C 125 10.39 -33.26 -12.47
C UNK C 125 11.85 -33.61 -12.59
N UNK C 126 12.44 -33.28 -13.74
CA UNK C 126 13.87 -33.48 -13.98
C UNK C 126 14.72 -32.48 -13.18
N UNK C 127 16.02 -32.44 -13.45
CA UNK C 127 16.91 -31.56 -12.69
C UNK C 127 18.11 -31.11 -13.50
N UNK C 128 18.61 -29.93 -13.20
CA UNK C 128 19.78 -29.39 -13.89
C UNK C 128 20.53 -28.42 -13.01
N UNK C 129 21.74 -28.06 -13.41
CA UNK C 129 22.56 -27.09 -12.67
C UNK C 129 23.08 -26.01 -13.62
N UNK C 130 22.18 -25.11 -14.02
CA UNK C 130 22.48 -24.12 -15.06
C UNK C 130 23.45 -23.05 -14.59
N UNK C 131 22.99 -22.18 -13.70
CA UNK C 131 23.78 -21.03 -13.24
C UNK C 131 24.97 -21.45 -12.39
N UNK C 132 26.13 -21.57 -13.01
CA UNK C 132 27.33 -22.05 -12.31
C UNK C 132 28.17 -20.90 -11.76
N UNK C 133 27.60 -19.70 -11.77
CA UNK C 133 28.28 -18.52 -11.26
C UNK C 133 28.41 -18.57 -9.74
N UNK C 134 27.33 -18.97 -9.08
CA UNK C 134 27.33 -19.11 -7.63
C UNK C 134 26.29 -20.13 -7.17
N UNK C 135 25.04 -19.89 -7.54
CA UNK C 135 23.93 -20.78 -7.14
C UNK C 135 23.31 -21.48 -8.34
N UNK C 136 23.37 -22.80 -8.32
CA UNK C 136 22.76 -23.60 -9.37
C UNK C 136 21.60 -24.40 -8.80
N UNK C 137 21.43 -25.62 -9.29
CA UNK C 137 20.37 -26.55 -8.92
C UNK C 137 18.96 -25.97 -9.06
N UNK C 138 18.65 -25.49 -10.26
CA UNK C 138 17.28 -25.11 -10.59
C UNK C 138 16.57 -26.36 -11.08
N UNK C 139 15.30 -26.55 -10.71
CA UNK C 139 14.62 -27.81 -10.98
C UNK C 139 14.28 -28.01 -12.45
N UNK C 140 13.51 -27.09 -13.02
CA UNK C 140 13.10 -27.10 -14.44
C UNK C 140 12.43 -28.40 -14.87
N UNK C 141 11.18 -28.60 -14.48
CA UNK C 141 10.44 -29.81 -14.79
C UNK C 141 10.01 -29.90 -16.25
N UNK C 142 9.19 -30.89 -16.58
CA UNK C 142 8.76 -31.08 -17.95
C UNK C 142 7.45 -31.84 -18.07
N UNK C 143 7.23 -32.40 -19.25
CA UNK C 143 6.02 -33.15 -19.56
C UNK C 143 6.28 -34.16 -20.68
N UNK C 147 8.67 -27.40 -24.23
CA UNK C 147 7.62 -27.07 -23.29
C UNK C 147 8.00 -27.52 -21.90
N UNK C 148 9.11 -27.01 -21.40
CA UNK C 148 9.56 -27.36 -20.05
C UNK C 148 9.12 -26.29 -19.05
N UNK C 149 8.01 -26.55 -18.37
CA UNK C 149 7.46 -25.64 -17.38
C UNK C 149 8.39 -25.53 -16.19
N UNK C 150 9.04 -24.38 -16.02
CA UNK C 150 10.11 -24.24 -15.02
C UNK C 150 9.65 -24.35 -13.58
N UNK C 151 9.28 -25.57 -13.16
CA UNK C 151 8.74 -25.82 -11.83
C UNK C 151 9.80 -25.78 -10.77
N UNK C 152 10.29 -24.59 -10.46
CA UNK C 152 11.34 -24.44 -9.48
C UNK C 152 10.77 -23.98 -8.15
N UNK C 153 10.69 -24.89 -7.19
CA UNK C 153 10.12 -24.56 -5.90
C UNK C 153 10.62 -25.50 -4.80
N UNK C 154 9.71 -25.77 -3.84
CA UNK C 154 9.87 -26.63 -2.66
C UNK C 154 10.90 -26.11 -1.67
N UNK C 155 10.46 -26.00 -0.41
CA UNK C 155 11.32 -25.55 0.67
C UNK C 155 11.32 -26.55 1.81
N UNK C 156 11.22 -27.84 1.45
CA UNK C 156 11.26 -28.98 2.37
C UNK C 156 10.22 -28.90 3.48
N UNK C 157 10.65 -28.41 4.65
CA UNK C 157 9.84 -28.30 5.88
C UNK C 157 9.18 -29.62 6.29
N UNK C 177 8.07 -29.95 5.62
CA UNK C 177 7.38 -31.21 5.87
C UNK C 177 7.85 -32.27 4.87
N UNK C 178 7.77 -31.93 3.59
CA UNK C 178 8.19 -32.83 2.53
C UNK C 178 8.57 -32.02 1.30
N UNK C 179 9.47 -32.54 0.49
CA UNK C 179 9.89 -31.86 -0.74
C UNK C 179 8.76 -31.92 -1.74
N UNK C 180 7.92 -30.89 -1.75
CA UNK C 180 6.83 -30.80 -2.69
C UNK C 180 7.06 -29.66 -3.67
N UNK C 181 7.56 -29.99 -4.85
CA UNK C 181 7.75 -29.02 -5.92
C UNK C 181 6.37 -28.58 -6.40
N UNK C 182 6.25 -27.34 -6.84
CA UNK C 182 4.95 -26.77 -7.23
C UNK C 182 4.35 -27.47 -8.45
N UNK C 183 3.02 -27.50 -8.56
CA UNK C 183 2.32 -28.19 -9.66
C UNK C 183 2.56 -27.51 -11.00
N UNK C 184 2.31 -26.21 -11.06
CA UNK C 184 2.77 -25.38 -12.17
C UNK C 184 4.06 -24.74 -11.73
N UNK C 185 4.45 -23.66 -12.42
CA UNK C 185 5.79 -23.15 -12.25
C UNK C 185 6.01 -22.38 -10.97
N GLY C 186 7.16 -21.71 -10.94
CA GLY C 186 7.53 -20.86 -9.84
C GLY C 186 7.44 -19.43 -10.30
N LYS C 187 7.59 -19.24 -11.60
CA LYS C 187 7.36 -17.94 -12.21
C LYS C 187 6.33 -18.10 -13.31
N PHE C 188 5.13 -17.57 -13.08
CA PHE C 188 4.17 -17.43 -14.16
C PHE C 188 4.64 -16.34 -15.09
N GLY C 189 4.24 -16.44 -16.35
CA GLY C 189 4.80 -15.60 -17.38
C GLY C 189 3.72 -14.81 -18.10
N GLN C 190 4.18 -13.80 -18.83
CA GLN C 190 3.28 -12.99 -19.62
C GLN C 190 2.97 -13.64 -20.95
N ARG C 191 3.98 -13.86 -21.78
CA ARG C 191 3.78 -14.33 -23.13
C ARG C 191 3.94 -15.84 -23.25
N ALA C 192 3.55 -16.60 -22.23
CA ALA C 192 3.62 -18.04 -22.33
C ALA C 192 2.44 -18.60 -23.11
N LEU C 193 1.36 -17.84 -23.19
CA LEU C 193 0.12 -18.33 -23.79
C LEU C 193 0.13 -18.29 -25.31
N ASP C 194 0.97 -17.44 -25.90
CA ASP C 194 0.95 -17.11 -27.33
C ASP C 194 -0.45 -16.63 -27.72
N PHE C 195 -0.76 -15.44 -27.22
CA PHE C 195 -2.06 -14.80 -27.36
C PHE C 195 -2.47 -14.61 -28.81
N TYR C 196 -1.52 -14.29 -29.68
CA TYR C 196 -1.82 -13.91 -31.06
C TYR C 196 -1.77 -15.15 -31.97
N SER C 197 -2.43 -16.21 -31.53
CA SER C 197 -2.79 -17.31 -32.41
C SER C 197 -4.18 -17.71 -31.98
N ILE C 198 -4.60 -17.08 -30.92
CA ILE C 198 -5.95 -17.10 -30.41
C ILE C 198 -6.38 -15.65 -30.56
N HIS C 199 -7.42 -15.24 -29.86
CA HIS C 199 -8.56 -14.37 -30.22
C HIS C 199 -8.29 -13.46 -31.44
N VAL C 200 -7.16 -12.76 -31.52
CA VAL C 200 -7.05 -11.63 -32.43
C VAL C 200 -6.93 -12.00 -33.90
N THR C 201 -6.23 -13.09 -34.24
CA THR C 201 -6.01 -13.42 -35.65
C THR C 201 -7.28 -13.96 -36.31
N LYS C 202 -7.26 -14.00 -37.64
CA LYS C 202 -8.47 -14.26 -38.42
C LYS C 202 -8.81 -15.73 -38.52
N GLU C 203 -7.93 -16.58 -38.02
CA GLU C 203 -8.20 -17.99 -37.81
C GLU C 203 -8.71 -18.17 -36.38
N SER C 204 -8.60 -19.39 -35.85
CA SER C 204 -8.84 -19.69 -34.44
C SER C 204 -10.27 -19.42 -34.00
N THR C 205 -11.18 -20.34 -34.32
CA THR C 205 -12.62 -20.19 -34.15
C THR C 205 -13.10 -20.09 -32.70
N HIS C 206 -12.19 -19.91 -31.74
CA HIS C 206 -12.52 -19.40 -30.41
C HIS C 206 -13.42 -18.17 -30.53
N PRO C 207 -14.62 -18.20 -29.97
CA PRO C 207 -15.69 -17.30 -30.43
C PRO C 207 -15.62 -15.87 -29.94
N VAL C 208 -14.59 -15.45 -29.21
CA VAL C 208 -14.50 -14.07 -28.75
C VAL C 208 -13.22 -13.44 -29.32
N LYS C 209 -13.37 -12.76 -30.45
CA LYS C 209 -12.28 -12.02 -31.07
C LYS C 209 -12.52 -10.53 -30.81
N PRO C 210 -11.73 -9.91 -29.96
CA PRO C 210 -12.05 -8.54 -29.55
C PRO C 210 -11.77 -7.50 -30.61
N LEU C 211 -11.02 -7.82 -31.65
CA LEU C 211 -10.83 -6.83 -32.70
C LEU C 211 -11.92 -6.94 -33.76
N ALA C 212 -12.50 -8.11 -33.92
CA ALA C 212 -13.46 -8.30 -35.00
C ALA C 212 -14.90 -8.18 -34.52
N GLN C 213 -15.10 -8.09 -33.21
CA GLN C 213 -16.47 -8.07 -32.71
C GLN C 213 -16.79 -6.78 -31.97
N ILE C 214 -15.97 -6.41 -31.00
CA ILE C 214 -16.26 -5.30 -30.11
C ILE C 214 -15.68 -3.98 -30.62
N ALA C 215 -14.42 -3.99 -31.03
CA ALA C 215 -13.83 -2.79 -31.60
C ALA C 215 -14.38 -2.47 -32.98
N GLY C 216 -15.01 -3.42 -33.66
CA GLY C 216 -15.66 -3.11 -34.92
C GLY C 216 -14.77 -3.16 -36.12
N ASN C 217 -13.63 -3.87 -36.04
CA ASN C 217 -12.74 -4.15 -37.17
C ASN C 217 -12.14 -2.89 -37.76
N ARG C 218 -11.99 -1.82 -36.98
CA ARG C 218 -11.41 -0.58 -37.47
C ARG C 218 -10.08 -0.26 -36.82
N TYR C 219 -9.52 -1.17 -36.04
CA TYR C 219 -8.19 -0.98 -35.50
C TYR C 219 -7.22 -1.95 -36.14
N ALA C 220 -5.98 -1.50 -36.27
CA ALA C 220 -4.94 -2.32 -36.88
C ALA C 220 -4.65 -3.51 -36.00
N SER C 221 -4.45 -4.68 -36.61
CA SER C 221 -4.18 -5.90 -35.87
C SER C 221 -2.71 -6.07 -35.55
N GLY C 222 -1.98 -4.97 -35.59
CA GLY C 222 -0.58 -4.91 -35.27
C GLY C 222 -0.45 -4.45 -33.85
N PRO C 223 -0.37 -3.14 -33.65
CA PRO C 223 -0.16 -2.61 -32.29
C PRO C 223 -1.29 -2.88 -31.31
N VAL C 224 -2.55 -2.97 -31.77
CA VAL C 224 -3.64 -3.17 -30.82
C VAL C 224 -3.61 -4.58 -30.27
N GLY C 225 -3.42 -5.57 -31.15
CA GLY C 225 -3.39 -6.95 -30.70
C GLY C 225 -2.21 -7.25 -29.78
N LYS C 226 -1.05 -6.71 -30.09
CA LYS C 226 0.10 -6.95 -29.24
C LYS C 226 0.04 -6.17 -27.95
N ALA C 227 -0.46 -4.92 -27.98
CA ALA C 227 -0.58 -4.16 -26.74
C ALA C 227 -1.65 -4.75 -25.83
N LEU C 228 -2.72 -5.28 -26.42
CA LEU C 228 -3.77 -5.93 -25.64
C LEU C 228 -3.28 -7.24 -25.06
N SER C 229 -2.46 -7.99 -25.82
CA SER C 229 -1.73 -9.15 -25.28
C SER C 229 -0.89 -8.79 -24.08
N ASP C 230 -0.11 -7.72 -24.19
CA ASP C 230 0.75 -7.24 -23.10
C ASP C 230 -0.06 -6.99 -21.83
N ALA C 231 -1.14 -6.20 -21.95
CA ALA C 231 -1.87 -5.80 -20.74
C ALA C 231 -2.69 -6.95 -20.15
N CYS C 232 -3.42 -7.71 -20.98
CA CYS C 232 -4.26 -8.76 -20.43
C CYS C 232 -3.44 -9.92 -19.87
N MET C 233 -2.37 -10.32 -20.57
CA MET C 233 -1.56 -11.41 -20.04
C MET C 233 -0.75 -10.98 -18.82
N GLY C 234 -0.35 -9.71 -18.75
CA GLY C 234 0.29 -9.24 -17.54
C GLY C 234 -0.63 -9.29 -16.34
N THR C 235 -1.90 -8.94 -16.53
CA THR C 235 -2.80 -8.91 -15.38
C THR C 235 -3.19 -10.32 -14.93
N ILE C 236 -3.45 -11.24 -15.87
CA ILE C 236 -3.76 -12.61 -15.42
C ILE C 236 -2.53 -13.31 -14.86
N ALA C 237 -1.32 -13.00 -15.34
CA ALA C 237 -0.15 -13.61 -14.72
C ALA C 237 0.09 -13.05 -13.31
N SER C 238 -0.28 -11.79 -13.08
CA SER C 238 -0.23 -11.26 -11.72
C SER C 238 -1.18 -12.00 -10.79
N PHE C 239 -2.42 -12.23 -11.24
CA PHE C 239 -3.38 -12.93 -10.40
C PHE C 239 -2.95 -14.35 -10.11
N LEU C 240 -2.44 -15.07 -11.12
CA LEU C 240 -2.06 -16.47 -10.88
C LEU C 240 -0.83 -16.57 -10.00
N SER C 241 0.15 -15.68 -10.19
CA SER C 241 1.35 -15.76 -9.36
C SER C 241 1.12 -15.24 -7.95
N LYS C 242 -0.01 -14.58 -7.70
CA LYS C 242 -0.36 -14.35 -6.30
C LYS C 242 -1.18 -15.50 -5.75
N TYR C 243 -2.01 -16.13 -6.59
CA TYR C 243 -2.92 -17.17 -6.14
C TYR C 243 -2.19 -18.44 -5.74
N GLN C 244 -1.05 -18.72 -6.36
CA GLN C 244 -0.27 -19.91 -6.00
C GLN C 244 0.29 -19.80 -4.59
N ASP C 245 0.91 -18.64 -4.28
CA ASP C 245 1.43 -18.39 -2.94
C ASP C 245 0.32 -18.35 -1.91
N ILE C 246 -0.86 -17.85 -2.27
CA ILE C 246 -1.93 -17.80 -1.29
C ILE C 246 -2.51 -19.18 -1.03
N ILE C 247 -2.50 -20.07 -2.02
CA ILE C 247 -2.89 -21.46 -1.76
C ILE C 247 -1.91 -22.15 -0.81
N ILE C 248 -0.61 -21.88 -0.96
CA ILE C 248 0.38 -22.50 -0.07
C ILE C 248 0.25 -21.94 1.37
N GLU C 249 0.08 -20.62 1.49
CA GLU C 249 -0.08 -20.03 2.82
C GLU C 249 -1.39 -20.47 3.48
N HIS C 250 -2.44 -20.71 2.71
CA HIS C 250 -3.65 -21.23 3.35
C HIS C 250 -3.51 -22.69 3.72
N GLN C 251 -2.63 -23.44 3.05
CA GLN C 251 -2.33 -24.78 3.55
C GLN C 251 -1.73 -24.73 4.95
N LYS C 252 -0.75 -23.83 5.15
CA LYS C 252 -0.17 -23.66 6.48
C LYS C 252 -1.19 -23.17 7.50
N VAL C 253 -2.08 -22.24 7.10
CA VAL C 253 -2.99 -21.64 8.08
C VAL C 253 -4.14 -22.59 8.41
N VAL C 254 -4.55 -23.44 7.45
CA VAL C 254 -5.57 -24.43 7.76
C VAL C 254 -5.02 -25.51 8.68
N LYS C 255 -3.75 -25.90 8.50
CA LYS C 255 -3.15 -26.85 9.43
C LYS C 255 -3.01 -26.25 10.83
N GLY C 256 -2.63 -24.96 10.90
CA GLY C 256 -2.53 -24.31 12.20
C GLY C 256 -3.87 -24.06 12.87
N ASN C 257 -4.92 -23.85 12.09
CA ASN C 257 -6.26 -23.73 12.64
C ASN C 257 -6.78 -25.06 13.14
N GLN C 258 -6.42 -26.15 12.46
CA GLN C 258 -6.85 -27.45 12.94
C GLN C 258 -6.09 -27.85 14.20
N LYS C 259 -4.87 -27.35 14.36
CA LYS C 259 -4.16 -27.57 15.61
C LYS C 259 -4.75 -26.78 16.78
N ARG C 260 -5.41 -25.65 16.52
CA ARG C 260 -5.94 -24.79 17.56
C ARG C 260 -7.40 -25.10 17.89
N LEU C 261 -7.82 -26.34 17.68
CA LEU C 261 -9.07 -26.84 18.25
C LEU C 261 -8.80 -27.64 19.52
N GLU C 262 -7.80 -27.19 20.28
CA GLU C 262 -7.63 -27.54 21.67
C GLU C 262 -8.44 -26.64 22.59
N SER C 263 -9.22 -25.70 22.04
CA SER C 263 -10.26 -25.05 22.81
C SER C 263 -11.46 -25.96 22.96
N LEU C 264 -11.52 -27.03 22.17
CA LEU C 264 -12.46 -28.11 22.43
C LEU C 264 -12.06 -28.90 23.67
N ARG C 265 -10.79 -28.80 24.08
CA ARG C 265 -10.37 -29.32 25.36
C ARG C 265 -10.68 -28.32 26.48
N GLU C 266 -10.65 -27.02 26.16
CA GLU C 266 -10.78 -25.98 27.18
C GLU C 266 -12.21 -25.91 27.72
N LEU C 267 -13.19 -26.43 26.98
CA LEU C 267 -14.54 -26.48 27.51
C LEU C 267 -14.66 -27.53 28.62
N ALA C 268 -13.94 -28.65 28.49
CA ALA C 268 -13.94 -29.63 29.57
C ALA C 268 -12.81 -29.36 30.55
N GLY C 269 -11.90 -28.46 30.20
CA GLY C 269 -10.89 -28.03 31.15
C GLY C 269 -11.47 -27.10 32.20
N LYS C 270 -12.58 -26.43 31.89
CA LYS C 270 -13.32 -25.63 32.84
C LYS C 270 -14.67 -26.23 33.21
N GLU C 271 -15.13 -27.24 32.45
CA GLU C 271 -16.30 -28.06 32.72
C GLU C 271 -17.61 -27.28 32.80
N ASN C 272 -17.62 -26.04 32.34
CA ASN C 272 -18.81 -25.21 32.45
C ASN C 272 -19.38 -24.82 31.08
N LEU C 273 -18.63 -25.04 30.01
CA LEU C 273 -19.07 -24.70 28.68
C LEU C 273 -19.28 -25.97 27.87
N GLU C 274 -20.35 -25.97 27.07
CA GLU C 274 -20.77 -27.22 26.45
C GLU C 274 -19.97 -27.54 25.19
N TYR C 275 -20.02 -26.68 24.16
CA TYR C 275 -19.35 -26.83 22.87
C TYR C 275 -19.57 -25.57 22.05
N PRO C 276 -18.63 -25.20 21.19
CA PRO C 276 -18.93 -24.19 20.18
C PRO C 276 -19.72 -24.78 19.03
N SER C 277 -19.51 -26.08 18.77
CA SER C 277 -20.26 -26.90 17.81
C SER C 277 -20.15 -26.33 16.39
N VAL C 278 -18.92 -26.35 15.88
CA VAL C 278 -18.65 -25.86 14.53
C VAL C 278 -17.57 -26.71 13.90
N THR C 279 -17.87 -27.32 12.77
CA THR C 279 -16.93 -28.16 12.04
C THR C 279 -16.31 -27.38 10.88
N LEU C 280 -14.97 -27.22 10.94
CA LEU C 280 -14.21 -26.49 9.94
C LEU C 280 -14.23 -27.23 8.61
N PRO C 281 -14.61 -26.54 7.53
CA PRO C 281 -14.49 -27.13 6.19
C PRO C 281 -13.03 -27.29 5.80
N PRO C 282 -12.73 -28.12 4.79
CA PRO C 282 -11.32 -28.28 4.37
C PRO C 282 -10.77 -27.08 3.63
N GLN C 283 -9.57 -27.24 3.06
CA GLN C 283 -8.88 -26.18 2.33
C GLN C 283 -9.73 -25.70 1.16
N PRO C 284 -10.13 -24.44 1.14
CA PRO C 284 -11.32 -24.04 0.39
C PRO C 284 -11.19 -23.92 -1.12
N HIS C 285 -10.06 -23.37 -1.58
CA HIS C 285 -9.59 -23.28 -2.96
C HIS C 285 -10.33 -22.33 -3.89
N THR C 286 -11.56 -21.89 -3.59
CA THR C 286 -12.22 -21.21 -4.70
C THR C 286 -12.30 -19.69 -4.62
N LYS C 287 -13.37 -19.14 -4.02
CA LYS C 287 -13.39 -17.85 -3.35
C LYS C 287 -14.51 -17.90 -2.33
N GLU C 288 -15.56 -18.64 -2.65
CA GLU C 288 -16.72 -18.71 -1.77
C GLU C 288 -16.52 -19.73 -0.67
N GLY C 289 -15.61 -20.68 -0.91
CA GLY C 289 -15.12 -21.50 0.18
C GLY C 289 -14.41 -20.66 1.23
N VAL C 290 -13.68 -19.63 0.80
CA VAL C 290 -13.01 -18.75 1.74
C VAL C 290 -14.02 -17.95 2.55
N ASP C 291 -15.13 -17.53 1.94
CA ASP C 291 -16.12 -16.78 2.71
C ASP C 291 -16.92 -17.69 3.64
N ALA C 292 -17.15 -18.94 3.24
CA ALA C 292 -17.78 -19.89 4.16
C ALA C 292 -16.88 -20.24 5.33
N TYR C 293 -15.60 -20.50 5.05
CA TYR C 293 -14.65 -20.85 6.09
C TYR C 293 -14.38 -19.65 7.00
N ASN C 294 -14.40 -18.45 6.45
CA ASN C 294 -14.20 -17.28 7.27
C ASN C 294 -15.44 -16.94 8.08
N GLU C 295 -16.63 -17.30 7.61
CA GLU C 295 -17.81 -17.18 8.45
C GLU C 295 -17.73 -18.15 9.63
N VAL C 296 -17.19 -19.35 9.39
CA VAL C 296 -17.07 -20.32 10.49
C VAL C 296 -16.00 -19.87 11.50
N ILE C 297 -14.88 -19.34 11.02
CA ILE C 297 -13.85 -18.83 11.92
C ILE C 297 -14.34 -17.59 12.67
N ALA C 298 -15.17 -16.77 12.01
CA ALA C 298 -15.74 -15.61 12.69
C ALA C 298 -16.71 -16.02 13.79
N ARG C 299 -17.49 -17.07 13.55
CA ARG C 299 -18.42 -17.54 14.58
C ARG C 299 -17.69 -18.13 15.77
N VAL C 300 -16.65 -18.93 15.53
CA VAL C 300 -15.91 -19.50 16.65
C VAL C 300 -15.10 -18.43 17.37
N ARG C 301 -14.62 -17.42 16.66
CA ARG C 301 -13.89 -16.35 17.32
C ARG C 301 -14.82 -15.49 18.16
N MET C 302 -16.06 -15.30 17.70
CA MET C 302 -17.03 -14.55 18.50
C MET C 302 -17.41 -15.32 19.75
N TRP C 303 -17.58 -16.64 19.64
CA TRP C 303 -17.88 -17.43 20.82
C TRP C 303 -16.71 -17.46 21.80
N VAL C 304 -15.48 -17.52 21.28
CA VAL C 304 -14.30 -17.52 22.14
C VAL C 304 -14.18 -16.20 22.88
N ASN C 305 -14.43 -15.08 22.21
CA ASN C 305 -14.37 -13.81 22.93
C ASN C 305 -15.53 -13.63 23.90
N LEU C 306 -16.70 -14.20 23.59
CA LEU C 306 -17.82 -14.03 24.49
C LEU C 306 -17.73 -14.93 25.72
N ASN C 307 -17.04 -16.07 25.63
CA ASN C 307 -17.10 -17.04 26.73
C ASN C 307 -15.75 -17.42 27.31
N LEU C 308 -14.63 -16.93 26.77
CA LEU C 308 -13.34 -17.37 27.29
C LEU C 308 -12.36 -16.24 27.50
N TRP C 309 -12.68 -15.03 27.06
CA TRP C 309 -11.81 -13.90 27.35
C TRP C 309 -12.47 -12.88 28.26
N GLN C 310 -13.77 -12.97 28.46
CA GLN C 310 -14.48 -12.03 29.32
C GLN C 310 -15.17 -12.73 30.49
N LYS C 311 -15.98 -13.76 30.22
CA LYS C 311 -16.69 -14.45 31.28
C LYS C 311 -15.80 -15.30 32.16
N LEU C 312 -14.60 -15.65 31.71
CA LEU C 312 -13.66 -16.43 32.51
C LEU C 312 -12.28 -15.79 32.65
N LYS C 313 -12.04 -14.68 31.96
CA LYS C 313 -10.91 -13.76 32.20
C LYS C 313 -9.56 -14.43 31.99
N LEU C 314 -9.50 -15.35 31.02
CA LEU C 314 -8.24 -15.96 30.60
C LEU C 314 -7.47 -14.96 29.75
N SER C 315 -6.16 -15.03 29.80
CA SER C 315 -5.30 -14.21 28.94
C SER C 315 -5.38 -14.79 27.55
N ARG C 316 -4.86 -14.03 26.58
CA ARG C 316 -4.99 -14.42 25.18
C ARG C 316 -4.12 -15.63 24.82
N ASP C 317 -2.95 -15.75 25.44
CA ASP C 317 -2.13 -16.92 25.17
C ASP C 317 -2.39 -18.03 26.17
N ASP C 318 -3.66 -18.34 26.42
CA ASP C 318 -4.05 -19.54 27.15
C ASP C 318 -5.18 -20.21 26.38
N ALA C 319 -6.05 -19.38 25.81
CA ALA C 319 -7.03 -19.82 24.82
C ALA C 319 -6.75 -19.03 23.56
N LYS C 320 -5.88 -19.58 22.72
CA LYS C 320 -5.50 -18.89 21.50
C LYS C 320 -6.67 -18.88 20.51
N PRO C 321 -6.90 -17.79 19.82
CA PRO C 321 -8.05 -17.71 18.92
C PRO C 321 -7.75 -18.39 17.60
N LEU C 322 -8.81 -18.70 16.87
CA LEU C 322 -8.65 -19.24 15.53
C LEU C 322 -8.24 -18.13 14.58
N LEU C 323 -7.35 -18.44 13.66
CA LEU C 323 -6.91 -17.43 12.71
C LEU C 323 -7.79 -17.46 11.46
N ARG C 324 -8.02 -16.28 10.91
CA ARG C 324 -8.87 -16.12 9.74
C ARG C 324 -8.03 -16.26 8.48
N LEU C 325 -8.65 -16.79 7.43
CA LEU C 325 -7.99 -16.93 6.13
C LEU C 325 -7.96 -15.58 5.44
N LYS C 326 -6.80 -14.95 5.42
CA LYS C 326 -6.64 -13.62 4.84
C LYS C 326 -5.88 -13.72 3.53
N GLY C 327 -6.19 -12.81 2.63
CA GLY C 327 -5.33 -12.55 1.48
C GLY C 327 -5.68 -13.31 0.22
N PHE C 328 -6.90 -13.78 0.04
CA PHE C 328 -7.20 -14.54 -1.16
C PHE C 328 -7.46 -13.62 -2.33
N PRO C 329 -6.64 -13.67 -3.38
CA PRO C 329 -6.83 -12.74 -4.50
C PRO C 329 -7.97 -13.19 -5.40
N SER C 330 -8.70 -12.20 -5.89
CA SER C 330 -9.81 -12.43 -6.80
C SER C 330 -9.38 -12.14 -8.21
N PHE C 331 -10.19 -12.57 -9.18
CA PHE C 331 -9.86 -12.35 -10.59
C PHE C 331 -9.96 -10.86 -10.88
N PRO C 332 -9.10 -10.31 -11.74
CA PRO C 332 -8.86 -8.87 -11.73
C PRO C 332 -10.02 -7.92 -12.02
N VAL C 333 -10.61 -7.89 -13.21
CA VAL C 333 -11.51 -6.79 -13.50
C VAL C 333 -12.94 -7.33 -13.52
N VAL C 334 -13.07 -8.65 -13.66
CA VAL C 334 -14.41 -9.21 -13.80
C VAL C 334 -15.13 -9.29 -12.46
N GLU C 335 -14.43 -9.44 -11.35
CA GLU C 335 -15.05 -9.69 -10.06
C GLU C 335 -14.99 -8.49 -9.14
N ARG C 336 -15.27 -7.30 -9.66
CA ARG C 336 -15.47 -6.14 -8.80
C ARG C 336 -16.86 -6.20 -8.16
N ARG C 337 -17.12 -5.23 -7.28
CA ARG C 337 -18.29 -5.34 -6.42
C ARG C 337 -19.56 -4.79 -7.07
N GLU C 338 -19.57 -3.50 -7.40
CA GLU C 338 -20.62 -2.83 -8.18
C GLU C 338 -21.98 -2.92 -7.48
N ASN C 339 -22.09 -2.21 -6.35
CA ASN C 339 -23.31 -2.20 -5.54
C ASN C 339 -24.10 -0.89 -5.68
N GLU C 340 -23.93 -0.18 -6.79
CA GLU C 340 -24.36 1.21 -6.91
C GLU C 340 -25.88 1.36 -6.82
N VAL C 341 -26.32 2.19 -5.87
CA VAL C 341 -27.74 2.46 -5.66
C VAL C 341 -27.89 3.97 -5.52
N ASP C 342 -29.11 4.45 -5.78
CA ASP C 342 -29.41 5.86 -5.63
C ASP C 342 -29.68 6.16 -4.17
N TRP C 343 -29.82 7.45 -3.86
CA TRP C 343 -29.92 7.85 -2.47
C TRP C 343 -31.38 7.94 -2.05
N TRP C 344 -32.19 8.63 -2.86
CA TRP C 344 -33.53 9.00 -2.45
C TRP C 344 -34.48 7.82 -2.41
N ASN C 345 -34.22 6.79 -3.21
CA ASN C 345 -35.03 5.59 -3.13
C ASN C 345 -34.79 4.84 -1.82
N THR C 346 -33.56 4.83 -1.33
CA THR C 346 -33.31 4.20 -0.04
C THR C 346 -33.81 5.05 1.11
N ILE C 347 -33.79 6.38 0.98
CA ILE C 347 -34.38 7.24 2.01
C ILE C 347 -35.88 6.97 2.13
N ASN C 348 -36.58 6.91 1.00
CA ASN C 348 -38.00 6.62 1.04
C ASN C 348 -38.26 5.18 1.48
N GLU C 349 -37.33 4.27 1.23
CA GLU C 349 -37.49 2.91 1.73
C GLU C 349 -37.37 2.85 3.24
N VAL C 350 -36.39 3.56 3.82
CA VAL C 350 -36.24 3.60 5.26
C VAL C 350 -37.44 4.27 5.90
N LYS C 351 -37.96 5.33 5.28
CA LYS C 351 -39.14 6.00 5.84
C LYS C 351 -40.38 5.12 5.75
N LYS C 352 -40.50 4.29 4.70
CA LYS C 352 -41.62 3.36 4.62
C LYS C 352 -41.52 2.28 5.70
N LEU C 353 -40.31 1.75 5.92
CA LEU C 353 -40.12 0.75 6.96
C LEU C 353 -40.37 1.31 8.37
N ILE C 354 -40.09 2.59 8.58
CA ILE C 354 -40.32 3.16 9.90
C ILE C 354 -41.80 3.46 10.10
N ASP C 355 -42.45 4.07 9.12
CA ASP C 355 -43.86 4.38 9.29
C ASP C 355 -44.76 3.15 9.18
N ALA C 356 -44.24 2.00 8.76
CA ALA C 356 -45.07 0.79 8.78
C ALA C 356 -45.29 0.29 10.20
N LYS C 357 -44.33 0.52 11.10
CA LYS C 357 -44.38 -0.03 12.46
C LYS C 357 -44.71 1.02 13.50
N ARG C 358 -45.47 2.06 13.17
CA ARG C 358 -45.71 3.11 14.15
C ARG C 358 -46.76 2.69 15.17
N ASP C 359 -47.90 2.16 14.71
CA ASP C 359 -49.01 1.93 15.62
C ASP C 359 -48.76 0.73 16.51
N MET C 360 -47.92 -0.22 16.09
CA MET C 360 -47.47 -1.25 17.03
C MET C 360 -46.34 -0.71 17.90
N GLY C 361 -45.72 0.40 17.52
CA GLY C 361 -44.70 1.00 18.35
C GLY C 361 -45.27 1.86 19.46
N ARG C 362 -46.59 2.02 19.50
CA ARG C 362 -47.20 2.78 20.59
C ARG C 362 -47.64 1.86 21.72
N VAL C 363 -48.09 0.65 21.39
CA VAL C 363 -48.57 -0.26 22.43
C VAL C 363 -47.41 -0.92 23.18
N PHE C 364 -46.16 -0.63 22.81
CA PHE C 364 -45.04 -1.07 23.63
C PHE C 364 -44.54 0.05 24.54
N TRP C 365 -44.34 1.26 24.00
CA TRP C 365 -43.79 2.34 24.82
C TRP C 365 -44.81 2.95 25.75
N SER C 366 -46.10 2.82 25.46
CA SER C 366 -47.12 3.17 26.44
C SER C 366 -47.50 1.99 27.30
N GLY C 367 -46.66 0.97 27.34
CA GLY C 367 -46.99 -0.34 27.84
C GLY C 367 -46.34 -0.70 29.15
N VAL C 368 -45.17 -1.33 29.03
CA VAL C 368 -44.68 -2.37 29.94
C VAL C 368 -44.62 -2.04 31.43
N THR C 369 -43.73 -1.14 31.86
CA THR C 369 -43.54 -0.86 33.27
C THR C 369 -43.16 0.60 33.44
N ALA C 370 -42.65 0.90 34.63
CA ALA C 370 -41.89 2.12 34.86
C ALA C 370 -40.40 1.87 34.92
N GLU C 371 -39.98 0.60 34.86
CA GLU C 371 -38.56 0.30 34.99
C GLU C 371 -38.00 -0.36 33.73
N LYS C 372 -38.78 -1.18 33.03
CA LYS C 372 -38.26 -1.83 31.83
C LYS C 372 -38.12 -0.82 30.70
N ARG C 373 -39.02 0.16 30.62
CA ARG C 373 -38.81 1.29 29.72
C ARG C 373 -37.58 2.08 30.13
N ASN C 374 -37.38 2.27 31.43
CA ASN C 374 -36.16 2.95 31.88
C ASN C 374 -34.93 2.08 31.69
N THR C 375 -35.07 0.75 31.74
CA THR C 375 -33.91 -0.09 31.51
C THR C 375 -33.52 -0.12 30.04
N ILE C 376 -34.50 -0.11 29.14
CA ILE C 376 -34.20 -0.02 27.70
C ILE C 376 -33.60 1.34 27.37
N LEU C 377 -34.11 2.42 27.97
CA LEU C 377 -33.50 3.73 27.77
C LEU C 377 -32.09 3.81 28.33
N GLU C 378 -31.83 3.20 29.49
CA GLU C 378 -30.54 3.33 30.14
C GLU C 378 -29.47 2.45 29.53
N GLY C 379 -29.81 1.21 29.16
CA GLY C 379 -28.79 0.27 28.72
C GLY C 379 -28.47 0.35 27.25
N TYR C 380 -29.45 0.67 26.41
CA TYR C 380 -29.27 0.71 24.97
C TYR C 380 -28.74 2.06 24.48
N ASN C 381 -28.09 2.83 25.37
CA ASN C 381 -27.49 4.13 25.06
C ASN C 381 -28.50 5.15 24.53
N TYR C 382 -29.44 5.59 25.39
CA TYR C 382 -30.32 6.70 25.03
C TYR C 382 -30.07 7.94 25.89
N LEU C 383 -30.02 7.77 27.20
CA LEU C 383 -29.84 8.92 28.07
C LEU C 383 -28.40 9.43 27.96
N PRO C 384 -28.18 10.73 28.11
CA PRO C 384 -26.80 11.25 28.04
C PRO C 384 -26.01 10.80 29.27
N ASN C 385 -24.97 10.01 29.02
CA ASN C 385 -24.24 9.40 30.12
C ASN C 385 -23.36 10.42 30.82
N GLU C 386 -22.34 10.94 30.13
CA GLU C 386 -21.61 12.12 30.60
C GLU C 386 -21.20 12.97 29.40
N ASN C 387 -22.09 13.88 29.00
CA ASN C 387 -21.76 14.95 28.06
C ASN C 387 -22.19 16.24 28.73
N ASP C 388 -21.34 16.73 29.62
CA ASP C 388 -21.55 17.99 30.31
C ASP C 388 -20.25 18.77 30.46
N HIS C 389 -19.12 18.22 30.02
CA HIS C 389 -17.81 18.85 30.14
C HIS C 389 -17.68 19.93 29.06
N LYS C 390 -17.94 21.17 29.47
CA LYS C 390 -17.83 22.32 28.58
C LYS C 390 -16.37 22.54 28.23
N LYS C 391 -16.02 22.32 26.95
CA LYS C 391 -14.63 22.40 26.52
C LYS C 391 -14.26 23.84 26.15
N ARG C 392 -14.25 24.68 27.18
CA ARG C 392 -13.99 26.12 27.11
C ARG C 392 -14.88 26.86 26.11
N GLU C 397 -21.08 26.06 26.16
CA GLU C 397 -21.94 25.14 25.42
C GLU C 397 -21.53 23.70 25.65
N ASN C 398 -22.51 22.81 25.76
CA ASN C 398 -22.26 21.39 25.91
C ASN C 398 -21.72 20.83 24.61
N PRO C 399 -20.95 19.74 24.66
CA PRO C 399 -20.42 19.16 23.43
C PRO C 399 -21.51 18.46 22.64
N LYS C 400 -21.20 18.16 21.38
CA LYS C 400 -22.21 17.60 20.50
C LYS C 400 -22.50 16.15 20.87
N LYS C 401 -23.71 15.72 20.56
CA LYS C 401 -24.23 14.42 20.93
C LYS C 401 -24.45 13.60 19.67
N PRO C 402 -24.40 12.27 19.74
CA PRO C 402 -24.40 11.47 18.52
C PRO C 402 -25.77 11.25 17.89
N ALA C 403 -26.75 12.10 18.22
CA ALA C 403 -28.06 12.19 17.59
C ALA C 403 -28.94 10.97 17.84
N LYS C 404 -28.50 10.08 18.71
CA LYS C 404 -29.40 9.15 19.35
C LYS C 404 -29.73 9.61 20.76
N ARG C 405 -28.83 10.34 21.41
CA ARG C 405 -29.05 10.84 22.74
C ARG C 405 -29.71 12.20 22.77
N GLN C 406 -29.71 12.92 21.64
CA GLN C 406 -30.61 14.04 21.47
C GLN C 406 -32.05 13.59 21.67
N PHE C 407 -32.37 12.43 21.11
CA PHE C 407 -33.67 11.82 21.33
C PHE C 407 -33.86 11.40 22.78
N GLY C 408 -32.77 11.07 23.48
CA GLY C 408 -32.89 10.79 24.90
C GLY C 408 -33.22 12.02 25.71
N ASP C 409 -32.59 13.16 25.40
CA ASP C 409 -32.92 14.42 26.06
C ASP C 409 -34.36 14.82 25.80
N LEU C 410 -34.81 14.65 24.57
CA LEU C 410 -36.18 15.00 24.23
C LEU C 410 -37.17 14.09 24.93
N LEU C 411 -36.81 12.80 25.09
CA LEU C 411 -37.70 11.87 25.79
C LEU C 411 -37.71 12.15 27.29
N LEU C 412 -36.59 12.57 27.87
CA LEU C 412 -36.58 12.89 29.29
C LEU C 412 -37.37 14.16 29.59
N TYR C 413 -37.20 15.18 28.75
CA TYR C 413 -37.94 16.42 28.98
C TYR C 413 -39.43 16.24 28.73
N LEU C 414 -39.78 15.44 27.71
CA LEU C 414 -41.19 15.15 27.48
C LEU C 414 -41.73 14.10 28.45
N GLU C 415 -40.87 13.41 29.19
CA GLU C 415 -41.36 12.66 30.33
C GLU C 415 -41.65 13.58 31.50
N LYS C 416 -40.81 14.61 31.67
CA LYS C 416 -40.91 15.47 32.83
C LYS C 416 -42.12 16.39 32.75
N LYS C 417 -42.26 17.15 31.66
CA LYS C 417 -43.31 18.16 31.67
C LYS C 417 -44.69 17.62 31.30
N TYR C 418 -44.80 16.36 30.90
CA TYR C 418 -45.96 15.96 30.13
C TYR C 418 -46.64 14.73 30.72
N TRP C 422 -47.01 8.46 30.29
CA TRP C 422 -46.10 8.14 29.20
C TRP C 422 -46.89 7.63 28.01
N GLY C 423 -48.21 7.79 28.06
CA GLY C 423 -49.02 7.44 26.91
C GLY C 423 -48.90 8.48 25.81
N LYS C 424 -49.23 9.72 26.13
CA LYS C 424 -49.22 10.81 25.17
C LYS C 424 -47.84 11.41 24.96
N VAL C 425 -46.81 10.88 25.63
CA VAL C 425 -45.45 11.35 25.38
C VAL C 425 -44.94 10.83 24.06
N PHE C 426 -45.30 9.59 23.72
CA PHE C 426 -44.82 8.98 22.49
C PHE C 426 -45.39 9.65 21.25
N ASP C 427 -46.63 10.15 21.33
CA ASP C 427 -47.16 10.94 20.25
C ASP C 427 -46.54 12.33 20.24
N GLU C 428 -46.24 12.86 21.42
CA GLU C 428 -45.65 14.20 21.49
C GLU C 428 -44.17 14.17 21.13
N ALA C 429 -43.54 12.99 21.19
CA ALA C 429 -42.13 12.89 20.82
C ALA C 429 -41.98 12.27 19.44
N TRP C 430 -43.09 12.10 18.74
CA TRP C 430 -43.04 11.65 17.36
C TRP C 430 -43.22 12.82 16.42
N GLU C 431 -44.05 13.78 16.80
CA GLU C 431 -44.29 14.93 15.94
C GLU C 431 -43.11 15.87 15.90
N ARG C 432 -42.25 15.83 16.93
CA ARG C 432 -41.07 16.69 16.88
C ARG C 432 -39.88 15.95 16.28
N ILE C 433 -40.10 14.77 15.71
CA ILE C 433 -39.06 14.13 14.93
C ILE C 433 -39.44 14.14 13.46
N ASP C 434 -40.72 13.97 13.17
CA ASP C 434 -41.15 14.01 11.78
C ASP C 434 -41.25 15.45 11.29
N LYS C 435 -41.01 16.43 12.17
CA LYS C 435 -40.72 17.79 11.72
C LYS C 435 -39.23 18.02 11.63
N LYS C 436 -38.41 17.16 12.25
CA LYS C 436 -36.96 17.27 12.06
C LYS C 436 -36.49 16.35 10.94
N ILE C 437 -37.35 15.45 10.48
CA ILE C 437 -37.03 14.70 9.28
C ILE C 437 -37.56 15.44 8.05
N ALA C 438 -38.79 15.94 8.11
CA ALA C 438 -39.30 16.73 6.99
C ALA C 438 -38.67 18.11 6.95
N GLY C 439 -38.01 18.53 8.03
CA GLY C 439 -37.24 19.75 7.98
C GLY C 439 -35.90 19.55 7.29
N LEU C 440 -35.27 18.39 7.49
CA LEU C 440 -34.03 18.09 6.78
C LEU C 440 -34.29 17.70 5.35
N THR C 441 -35.33 16.90 5.10
CA THR C 441 -35.53 16.38 3.75
C THR C 441 -36.14 17.43 2.82
N SER C 442 -36.58 18.56 3.38
CA SER C 442 -36.90 19.70 2.52
C SER C 442 -35.74 20.67 2.46
N HIS C 443 -34.62 20.34 3.12
CA HIS C 443 -33.43 21.16 2.97
C HIS C 443 -32.44 20.52 2.00
N ILE C 444 -32.40 19.19 1.95
CA ILE C 444 -31.59 18.56 0.92
C ILE C 444 -32.22 18.77 -0.44
N GLU C 445 -33.53 18.53 -0.56
CA GLU C 445 -34.17 18.47 -1.87
C GLU C 445 -34.31 19.86 -2.48
N ARG C 446 -34.06 20.92 -1.71
CA ARG C 446 -33.96 22.24 -2.32
C ARG C 446 -32.52 22.67 -2.52
N GLU C 447 -31.56 22.04 -1.82
CA GLU C 447 -30.15 22.38 -2.01
C GLU C 447 -29.36 21.29 -2.71
N GLU C 448 -29.99 20.15 -3.01
CA GLU C 448 -29.35 19.20 -3.92
C GLU C 448 -29.76 19.46 -5.35
N ALA C 449 -31.05 19.69 -5.58
CA ALA C 449 -31.53 19.95 -6.93
C ALA C 449 -31.60 21.43 -7.25
N ARG C 450 -30.55 22.19 -6.93
CA ARG C 450 -30.23 23.37 -7.73
C ARG C 450 -28.82 23.27 -8.30
N ASN C 451 -27.78 23.26 -7.46
CA ASN C 451 -26.44 23.09 -8.00
C ASN C 451 -25.51 22.27 -7.11
N ALA C 452 -25.77 22.24 -5.81
CA ALA C 452 -24.74 21.83 -4.87
C ALA C 452 -25.09 20.59 -4.08
N GLU C 453 -24.24 20.22 -3.12
CA GLU C 453 -24.46 19.06 -2.27
C GLU C 453 -24.13 19.46 -0.84
N ASP C 454 -25.12 19.34 0.06
CA ASP C 454 -25.00 19.95 1.38
C ASP C 454 -23.98 19.23 2.24
N ALA C 455 -23.85 17.91 2.06
CA ALA C 455 -22.73 17.08 2.48
C ALA C 455 -22.60 16.88 3.99
N GLN C 456 -23.36 17.58 4.78
CA GLN C 456 -23.52 17.33 6.20
C GLN C 456 -24.96 17.02 6.52
N SER C 457 -25.91 17.74 5.91
CA SER C 457 -27.31 17.48 6.16
C SER C 457 -27.81 16.21 5.49
N LYS C 458 -26.96 15.46 4.81
CA LYS C 458 -27.30 14.09 4.44
C LYS C 458 -26.96 13.15 5.59
N ALA C 459 -25.78 13.35 6.19
CA ALA C 459 -25.33 12.46 7.25
C ALA C 459 -26.18 12.62 8.51
N VAL C 460 -26.65 13.84 8.79
CA VAL C 460 -27.48 13.99 9.98
C VAL C 460 -28.88 13.46 9.73
N LEU C 461 -29.32 13.42 8.47
CA LEU C 461 -30.58 12.78 8.15
C LEU C 461 -30.48 11.27 8.31
N THR C 462 -29.36 10.68 7.90
CA THR C 462 -29.21 9.25 8.08
C THR C 462 -29.03 8.88 9.55
N ASP C 463 -28.34 9.73 10.32
CA ASP C 463 -28.23 9.49 11.75
C ASP C 463 -29.58 9.58 12.45
N TRP C 464 -30.39 10.57 12.08
CA TRP C 464 -31.70 10.69 12.70
C TRP C 464 -32.63 9.58 12.27
N LEU C 465 -32.48 9.07 11.06
CA LEU C 465 -33.32 7.96 10.64
C LEU C 465 -32.91 6.67 11.32
N ARG C 466 -31.62 6.49 11.58
CA ARG C 466 -31.21 5.29 12.33
C ARG C 466 -31.59 5.41 13.80
N ALA C 467 -31.63 6.64 14.34
CA ALA C 467 -32.08 6.81 15.72
C ALA C 467 -33.58 6.54 15.85
N LYS C 468 -34.37 7.06 14.93
CA LYS C 468 -35.79 6.76 14.93
C LYS C 468 -36.06 5.29 14.62
N ALA C 469 -35.18 4.67 13.85
CA ALA C 469 -35.32 3.24 13.55
C ALA C 469 -35.06 2.39 14.77
N SER C 470 -33.95 2.62 15.45
CA SER C 470 -33.63 1.92 16.68
C SER C 470 -34.48 2.37 17.85
N PHE C 471 -35.37 3.34 17.66
CA PHE C 471 -36.41 3.66 18.63
C PHE C 471 -37.73 2.97 18.34
N VAL C 472 -38.08 2.77 17.07
CA VAL C 472 -39.31 2.04 16.78
C VAL C 472 -39.10 0.55 17.03
N LEU C 473 -37.94 0.02 16.64
CA LEU C 473 -37.74 -1.43 16.62
C LEU C 473 -37.56 -2.05 18.00
N GLU C 474 -37.61 -1.31 19.09
CA GLU C 474 -37.38 -1.94 20.38
C GLU C 474 -38.55 -2.75 20.88
N ARG C 475 -39.69 -2.77 20.18
CA ARG C 475 -40.67 -3.80 20.47
C ARG C 475 -40.14 -5.17 20.06
N LEU C 476 -39.38 -5.23 18.97
CA LEU C 476 -38.88 -6.52 18.50
C LEU C 476 -37.75 -7.06 19.37
N LYS C 477 -36.80 -6.21 19.78
CA LYS C 477 -35.65 -6.71 20.53
C LYS C 477 -35.96 -6.99 21.99
N GLU C 478 -37.23 -6.98 22.40
CA GLU C 478 -37.61 -7.44 23.72
C GLU C 478 -38.74 -8.47 23.69
N MET C 479 -39.67 -8.37 22.75
CA MET C 479 -40.77 -9.32 22.70
C MET C 479 -40.35 -10.63 22.03
N ASP C 480 -40.01 -10.57 20.74
CA ASP C 480 -39.54 -11.76 20.04
C ASP C 480 -38.43 -11.39 19.06
N GLU C 481 -37.28 -12.03 19.22
CA GLU C 481 -36.06 -11.64 18.54
C GLU C 481 -35.93 -12.26 17.16
N LYS C 482 -37.01 -12.76 16.57
CA LYS C 482 -36.85 -13.54 15.34
C LYS C 482 -36.75 -12.62 14.13
N GLU C 483 -37.78 -11.84 13.85
CA GLU C 483 -37.78 -10.96 12.70
C GLU C 483 -37.10 -9.63 12.97
N PHE C 484 -36.47 -9.48 14.13
CA PHE C 484 -35.67 -8.29 14.37
C PHE C 484 -34.41 -8.31 13.53
N TYR C 485 -33.72 -9.45 13.49
CA TYR C 485 -32.41 -9.50 12.87
C TYR C 485 -32.46 -9.39 11.35
N ALA C 486 -33.57 -9.81 10.73
CA ALA C 486 -33.74 -9.54 9.30
C ALA C 486 -34.00 -8.06 9.06
N CYS C 487 -34.85 -7.44 9.89
CA CYS C 487 -35.08 -6.01 9.78
C CYS C 487 -33.85 -5.22 10.19
N GLU C 488 -33.06 -5.75 11.12
CA GLU C 488 -31.84 -5.05 11.52
C GLU C 488 -30.78 -5.15 10.44
N ILE C 489 -30.67 -6.28 9.75
CA ILE C 489 -29.66 -6.35 8.70
C ILE C 489 -30.11 -5.57 7.47
N GLN C 490 -31.43 -5.41 7.26
CA GLN C 490 -31.90 -4.53 6.21
C GLN C 490 -31.61 -3.07 6.52
N LEU C 491 -31.86 -2.64 7.76
CA LEU C 491 -31.52 -1.27 8.13
C LEU C 491 -30.02 -1.04 8.15
N GLN C 492 -29.23 -2.07 8.43
CA GLN C 492 -27.78 -1.88 8.39
C GLN C 492 -27.28 -1.76 6.96
N LYS C 493 -27.84 -2.54 6.03
CA LYS C 493 -27.45 -2.38 4.63
C LYS C 493 -27.88 -1.04 4.08
N TRP C 494 -29.07 -0.58 4.46
CA TRP C 494 -29.53 0.73 3.98
C TRP C 494 -28.74 1.86 4.62
N TYR C 495 -28.35 1.71 5.88
CA TYR C 495 -27.53 2.74 6.51
C TYR C 495 -26.14 2.77 5.91
N GLY C 496 -25.59 1.61 5.57
CA GLY C 496 -24.30 1.58 4.91
C GLY C 496 -24.32 2.24 3.54
N ASP C 497 -25.36 1.94 2.76
CA ASP C 497 -25.53 2.58 1.45
C ASP C 497 -25.72 4.08 1.60
N LEU C 498 -26.58 4.49 2.52
CA LEU C 498 -26.91 5.89 2.72
C LEU C 498 -25.77 6.70 3.32
N ARG C 499 -24.81 6.06 3.99
CA ARG C 499 -23.68 6.77 4.56
C ARG C 499 -22.47 6.79 3.65
N GLY C 500 -22.20 5.71 2.93
CA GLY C 500 -21.03 5.69 2.08
C GLY C 500 -21.26 6.07 0.65
N ASN C 501 -22.34 5.58 0.04
CA ASN C 501 -22.58 5.74 -1.39
C ASN C 501 -22.63 7.17 -1.93
N PRO C 502 -22.98 8.23 -1.17
CA PRO C 502 -22.77 9.57 -1.72
C PRO C 502 -21.33 10.07 -1.65
N PHE C 503 -20.37 9.20 -1.35
CA PHE C 503 -18.97 9.61 -1.39
C PHE C 503 -18.07 8.63 -2.13
N ALA C 504 -18.63 7.61 -2.76
CA ALA C 504 -17.83 6.72 -3.59
C ALA C 504 -17.38 7.44 -4.86
N VAL C 505 -16.26 7.01 -5.40
CA VAL C 505 -15.78 7.53 -6.67
C VAL C 505 -16.13 6.56 -7.78
N GLU C 506 -16.71 7.08 -8.85
CA GLU C 506 -16.85 6.35 -10.09
C GLU C 506 -15.65 6.71 -10.96
N ALA C 507 -15.69 6.30 -12.23
CA ALA C 507 -14.74 6.70 -13.28
C ALA C 507 -13.31 6.27 -12.93
N GLU C 508 -13.12 4.96 -12.92
CA GLU C 508 -11.78 4.39 -12.81
C GLU C 508 -10.96 4.76 -14.04
N ASN C 509 -9.64 4.68 -13.90
CA ASN C 509 -8.75 5.15 -14.94
C ASN C 509 -8.77 4.22 -16.15
N ARG C 510 -8.78 4.84 -17.33
CA ARG C 510 -8.73 4.12 -18.59
C ARG C 510 -7.38 4.40 -19.22
N VAL C 511 -6.79 3.40 -19.86
CA VAL C 511 -5.43 3.50 -20.36
C VAL C 511 -5.31 2.72 -21.66
N VAL C 512 -4.42 3.16 -22.55
CA VAL C 512 -4.13 2.44 -23.79
C VAL C 512 -2.62 2.37 -23.97
N ASP C 513 -2.14 1.16 -24.25
CA ASP C 513 -0.71 0.91 -24.31
C ASP C 513 -0.15 1.23 -25.68
N ILE C 514 1.06 1.77 -25.69
CA ILE C 514 1.90 1.84 -26.87
C ILE C 514 3.02 0.86 -26.59
N SER C 515 3.10 -0.23 -27.32
CA SER C 515 4.11 -1.23 -27.01
C SER C 515 5.32 -1.04 -27.92
N GLY C 516 6.03 0.05 -27.69
CA GLY C 516 7.32 0.25 -28.30
C GLY C 516 7.26 1.14 -29.54
N PHE C 517 8.43 1.61 -29.95
CA PHE C 517 8.61 2.30 -31.23
C PHE C 517 9.76 1.59 -31.93
N SER C 518 9.50 0.99 -33.08
CA SER C 518 10.56 0.28 -33.79
C SER C 518 10.19 0.13 -35.25
N ILE C 519 11.12 0.49 -36.13
CA ILE C 519 10.92 0.24 -37.55
C ILE C 519 11.03 -1.24 -37.83
N GLY C 520 10.09 -1.78 -38.60
CA GLY C 520 9.96 -3.21 -38.77
C GLY C 520 11.05 -3.83 -39.63
N SER C 521 10.76 -5.05 -40.08
CA SER C 521 11.72 -5.78 -40.91
C SER C 521 11.78 -5.20 -42.31
N ASP C 522 10.67 -4.63 -42.77
CA ASP C 522 10.70 -3.83 -43.99
C ASP C 522 11.45 -2.54 -43.73
N GLY C 523 11.91 -1.89 -44.79
CA GLY C 523 12.75 -0.73 -44.63
C GLY C 523 12.06 0.49 -44.08
N HIS C 524 10.85 0.76 -44.54
CA HIS C 524 10.13 1.98 -44.17
C HIS C 524 8.67 1.63 -43.89
N SER C 525 8.41 1.31 -42.63
CA SER C 525 7.09 1.00 -42.09
C SER C 525 7.21 0.97 -40.57
N ILE C 526 6.39 1.76 -39.90
CA ILE C 526 6.41 1.84 -38.46
C ILE C 526 5.65 0.65 -37.93
N GLN C 527 6.34 -0.25 -37.26
CA GLN C 527 5.64 -1.17 -36.39
C GLN C 527 5.23 -0.40 -35.16
N TYR C 528 4.07 -0.78 -34.61
CA TYR C 528 3.49 -0.29 -33.35
C TYR C 528 3.00 1.15 -33.41
N ARG C 529 3.26 1.86 -34.51
CA ARG C 529 2.46 3.00 -34.98
C ARG C 529 2.43 4.18 -34.00
N ASN C 530 3.57 4.52 -33.42
CA ASN C 530 3.66 5.73 -32.64
C ASN C 530 5.00 6.40 -32.86
N LEU C 531 5.12 7.65 -32.43
CA LEU C 531 6.40 8.34 -32.51
C LEU C 531 6.53 9.31 -31.36
N LEU C 532 7.48 10.23 -31.52
CA LEU C 532 7.63 11.39 -30.67
C LEU C 532 8.10 12.51 -31.58
N ALA C 533 7.18 13.39 -31.99
CA ALA C 533 7.34 14.11 -33.25
C ALA C 533 8.34 15.26 -33.19
N TRP C 534 8.08 16.24 -32.33
CA TRP C 534 8.78 17.53 -32.28
C TRP C 534 8.73 18.27 -33.62
N LYS C 535 7.55 18.80 -33.92
CA LYS C 535 7.46 19.80 -34.97
C LYS C 535 8.31 21.01 -34.62
N TYR C 536 9.12 21.46 -35.56
CA TYR C 536 9.98 22.61 -35.29
C TYR C 536 9.17 23.90 -35.29
N LEU C 537 9.42 24.75 -34.31
CA LEU C 537 8.75 26.04 -34.23
C LEU C 537 9.57 27.10 -34.94
N GLU C 538 9.25 28.35 -34.67
CA GLU C 538 9.72 29.46 -35.52
C GLU C 538 11.20 29.75 -35.30
N ASN C 539 11.64 29.85 -34.06
CA ASN C 539 13.01 30.33 -33.85
C ASN C 539 14.01 29.19 -33.98
N GLY C 540 14.05 28.30 -32.98
CA GLY C 540 14.91 27.13 -33.05
C GLY C 540 14.34 25.95 -32.28
N LYS C 541 13.17 26.15 -31.70
CA LYS C 541 12.65 25.27 -30.66
C LYS C 541 11.60 24.32 -31.22
N ARG C 542 11.23 23.34 -30.40
CA ARG C 542 10.38 22.24 -30.82
C ARG C 542 9.05 22.28 -30.07
N GLU C 543 8.19 21.30 -30.35
CA GLU C 543 6.87 21.29 -29.72
C GLU C 543 6.44 19.92 -29.20
N PHE C 544 7.14 18.85 -29.59
CA PHE C 544 7.11 17.53 -28.94
C PHE C 544 5.72 16.89 -28.89
N TYR C 545 5.22 16.52 -30.07
CA TYR C 545 3.93 15.86 -30.13
C TYR C 545 4.10 14.36 -29.98
N LEU C 546 2.98 13.67 -29.74
CA LEU C 546 2.94 12.22 -29.70
C LEU C 546 1.88 11.73 -30.68
N LEU C 547 2.29 11.37 -31.89
CA LEU C 547 1.38 10.91 -32.92
C LEU C 547 1.01 9.46 -32.68
N MET C 548 -0.27 9.18 -32.53
CA MET C 548 -0.76 7.82 -32.63
C MET C 548 -1.41 7.66 -33.99
N ASN C 549 -1.37 6.44 -34.51
CA ASN C 549 -1.88 6.20 -35.86
C ASN C 549 -2.66 4.88 -35.89
N TYR C 550 -3.52 4.67 -34.91
CA TYR C 550 -4.03 3.32 -34.67
C TYR C 550 -5.08 2.87 -35.67
N GLY C 551 -5.40 3.64 -36.69
CA GLY C 551 -6.31 3.20 -37.71
C GLY C 551 -5.72 2.14 -38.63
N LYS C 552 -6.59 1.48 -39.37
CA LYS C 552 -6.15 0.38 -40.23
C LYS C 552 -5.72 0.90 -41.59
N LYS C 553 -4.75 1.81 -41.60
CA LYS C 553 -4.20 2.33 -42.85
C LYS C 553 -2.77 2.77 -42.52
N GLY C 554 -2.20 3.62 -43.37
CA GLY C 554 -0.87 4.18 -43.20
C GLY C 554 -0.96 5.54 -42.55
N ARG C 555 -0.88 6.61 -43.35
CA ARG C 555 -1.01 8.04 -43.05
C ARG C 555 0.23 8.61 -42.35
N ILE C 556 1.23 7.81 -41.99
CA ILE C 556 2.49 8.33 -41.51
C ILE C 556 3.62 7.60 -42.23
N ARG C 557 4.43 8.33 -42.97
CA ARG C 557 5.57 7.76 -43.65
C ARG C 557 6.73 8.73 -43.55
N PHE C 558 7.92 8.29 -43.95
CA PHE C 558 9.12 9.04 -43.58
C PHE C 558 10.28 8.61 -44.47
N THR C 559 11.23 9.52 -44.69
CA THR C 559 12.49 9.13 -45.34
C THR C 559 13.69 9.32 -44.44
N ASP C 560 14.13 10.56 -44.20
CA ASP C 560 15.32 11.01 -43.46
C ASP C 560 15.38 12.52 -43.52
N GLY C 561 16.12 13.13 -42.59
CA GLY C 561 16.22 14.58 -42.59
C GLY C 561 17.44 15.07 -41.84
N THR C 562 17.92 16.26 -42.26
CA THR C 562 19.12 16.85 -41.68
C THR C 562 19.06 18.36 -41.44
N ASP C 563 18.07 19.07 -41.95
CA ASP C 563 18.06 20.52 -41.84
C ASP C 563 17.01 20.99 -40.83
N ILE C 564 17.16 22.24 -40.40
CA ILE C 564 16.42 22.76 -39.26
C ILE C 564 15.49 23.89 -39.66
N LYS C 565 14.90 23.78 -40.86
CA LYS C 565 14.08 24.84 -41.45
C LYS C 565 12.85 25.12 -40.60
N LYS C 566 12.56 26.41 -40.45
CA LYS C 566 11.75 26.95 -39.35
C LYS C 566 10.25 26.78 -39.57
N SER C 567 9.82 25.56 -39.83
CA SER C 567 8.43 25.22 -40.06
C SER C 567 8.28 23.74 -39.76
N GLY C 568 7.24 23.13 -40.30
CA GLY C 568 6.94 21.76 -39.97
C GLY C 568 7.93 20.76 -40.54
N LYS C 569 9.14 20.72 -39.98
CA LYS C 569 10.08 19.70 -40.39
C LYS C 569 9.67 18.32 -39.89
N TRP C 570 9.05 18.24 -38.70
CA TRP C 570 8.36 17.04 -38.20
C TRP C 570 9.27 15.83 -38.05
N GLN C 571 10.24 15.85 -37.13
CA GLN C 571 11.31 14.87 -37.32
C GLN C 571 11.06 13.43 -36.84
N GLY C 572 10.99 13.13 -35.54
CA GLY C 572 10.41 11.83 -35.21
C GLY C 572 10.96 10.72 -34.31
N LEU C 573 12.25 10.36 -34.33
CA LEU C 573 12.85 9.37 -33.40
C LEU C 573 12.24 7.96 -33.40
N LEU C 574 12.62 7.09 -34.34
CA LEU C 574 11.92 5.81 -34.49
C LEU C 574 12.73 4.52 -34.33
N TYR C 575 14.03 4.56 -33.97
CA TYR C 575 14.84 3.37 -33.63
C TYR C 575 14.93 2.35 -34.77
N GLY C 576 15.57 2.76 -35.85
CA GLY C 576 15.78 1.85 -36.96
C GLY C 576 16.78 0.76 -36.66
N GLY C 577 16.30 -0.46 -36.49
CA GLY C 577 17.16 -1.55 -36.08
C GLY C 577 17.56 -1.42 -34.62
N GLY C 578 18.85 -1.49 -34.34
CA GLY C 578 19.31 -1.37 -32.98
C GLY C 578 19.68 0.04 -32.60
N LYS C 579 20.31 0.77 -33.53
CA LYS C 579 20.76 2.12 -33.25
C LYS C 579 19.63 3.11 -33.42
N ALA C 580 19.63 4.15 -32.59
CA ALA C 580 18.62 5.18 -32.61
C ALA C 580 18.82 6.05 -33.83
N LYS C 581 17.75 6.67 -34.32
CA LYS C 581 17.87 7.55 -35.47
C LYS C 581 16.77 8.61 -35.44
N VAL C 582 17.01 9.71 -36.13
CA VAL C 582 15.98 10.68 -36.45
C VAL C 582 15.59 10.49 -37.90
N ILE C 583 14.41 10.97 -38.25
CA ILE C 583 13.92 10.88 -39.61
C ILE C 583 13.28 12.21 -39.97
N ASP C 584 12.79 12.33 -41.19
CA ASP C 584 11.90 13.44 -41.54
C ASP C 584 10.63 12.84 -42.09
N LEU C 585 9.51 13.45 -41.77
CA LEU C 585 8.23 12.77 -41.78
C LEU C 585 7.13 13.64 -42.36
N THR C 586 6.43 13.11 -43.35
CA THR C 586 5.47 13.87 -44.13
C THR C 586 4.09 13.28 -43.95
N PHE C 587 3.15 14.09 -43.47
CA PHE C 587 1.78 13.66 -43.20
C PHE C 587 0.92 14.89 -43.00
N ASP C 588 -0.37 14.74 -43.35
CA ASP C 588 -1.31 15.85 -43.23
C ASP C 588 -2.25 15.57 -42.06
N PRO C 589 -2.46 16.53 -41.15
CA PRO C 589 -3.37 16.30 -40.01
C PRO C 589 -4.83 16.16 -40.44
N ASP C 590 -5.37 14.94 -40.35
CA ASP C 590 -6.61 14.60 -41.04
C ASP C 590 -7.59 13.91 -40.10
N ASP C 591 -8.86 13.98 -40.48
CA ASP C 591 -9.99 13.60 -39.63
C ASP C 591 -10.43 12.17 -39.89
N GLU C 592 -9.49 11.22 -39.95
CA GLU C 592 -9.87 9.83 -40.13
C GLU C 592 -9.03 8.91 -39.26
N GLN C 593 -7.88 9.42 -38.86
CA GLN C 593 -6.91 8.72 -38.04
C GLN C 593 -6.11 9.79 -37.33
N LEU C 594 -4.90 9.44 -36.90
CA LEU C 594 -3.84 10.39 -36.54
C LEU C 594 -4.23 11.25 -35.35
N ILE C 595 -4.38 10.56 -34.22
CA ILE C 595 -4.55 11.23 -32.94
C ILE C 595 -3.28 11.97 -32.63
N ILE C 596 -3.30 13.29 -32.73
CA ILE C 596 -2.11 14.11 -32.54
C ILE C 596 -2.23 14.81 -31.20
N LEU C 597 -1.53 14.30 -30.20
CA LEU C 597 -1.52 14.93 -28.90
C LEU C 597 -0.28 15.81 -28.77
N PRO C 598 -0.41 17.10 -28.45
CA PRO C 598 0.76 17.87 -28.04
C PRO C 598 1.08 17.56 -26.60
N LEU C 599 2.33 17.74 -26.20
CA LEU C 599 2.74 17.50 -24.83
C LEU C 599 3.05 18.82 -24.14
N ALA C 600 3.00 18.79 -22.80
CA ALA C 600 3.31 19.96 -22.00
C ALA C 600 4.08 19.50 -20.76
N PHE C 601 5.39 19.63 -20.81
CA PHE C 601 6.21 19.29 -19.65
C PHE C 601 7.03 20.51 -19.27
N GLY C 602 7.47 20.54 -18.02
CA GLY C 602 8.31 21.62 -17.56
C GLY C 602 9.70 21.56 -18.13
N THR C 603 10.48 22.61 -17.83
CA THR C 603 11.85 22.63 -18.28
C THR C 603 12.68 21.62 -17.52
N ARG C 604 12.25 21.24 -16.31
CA ARG C 604 13.04 20.30 -15.53
C ARG C 604 12.99 18.89 -16.12
N GLN C 605 11.81 18.46 -16.58
CA GLN C 605 11.70 17.13 -17.16
C GLN C 605 12.44 17.04 -18.49
N GLY C 606 12.38 18.12 -19.27
CA GLY C 606 13.15 18.15 -20.50
C GLY C 606 14.64 18.16 -20.25
N ARG C 607 15.12 18.99 -19.31
CA ARG C 607 16.52 19.04 -18.96
C ARG C 607 17.00 17.72 -18.40
N GLU C 608 16.12 16.96 -17.75
CA GLU C 608 16.52 15.66 -17.26
C GLU C 608 16.64 14.66 -18.39
N PHE C 609 15.55 14.39 -19.12
CA PHE C 609 15.65 13.30 -20.09
C PHE C 609 14.84 13.50 -21.38
N ILE C 610 14.93 14.66 -22.02
CA ILE C 610 14.54 14.70 -23.43
C ILE C 610 15.71 15.23 -24.23
N TRP C 611 16.32 16.32 -23.76
CA TRP C 611 17.41 16.97 -24.46
C TRP C 611 18.63 17.13 -23.57
N ASN C 612 18.93 16.12 -22.75
CA ASN C 612 19.97 16.25 -21.72
C ASN C 612 21.35 16.35 -22.35
N ASP C 613 22.23 17.14 -21.73
CA ASP C 613 23.56 17.36 -22.27
C ASP C 613 24.44 16.13 -22.16
N LEU C 614 24.16 15.24 -21.23
CA LEU C 614 25.01 14.09 -20.94
C LEU C 614 24.52 12.80 -21.60
N LEU C 615 23.21 12.56 -21.59
CA LEU C 615 22.60 11.38 -22.20
C LEU C 615 21.65 11.87 -23.28
N SER C 616 22.17 12.11 -24.48
CA SER C 616 21.35 12.74 -25.49
C SER C 616 20.54 11.72 -26.25
N LEU C 617 19.26 12.01 -26.43
CA LEU C 617 18.47 11.33 -27.44
C LEU C 617 18.99 11.67 -28.84
N GLU C 618 18.56 10.88 -29.82
CA GLU C 618 19.04 10.86 -31.20
C GLU C 618 20.52 10.53 -31.30
N THR C 619 21.08 9.91 -30.27
CA THR C 619 22.41 9.32 -30.32
C THR C 619 22.41 7.88 -29.83
N GLY C 620 21.57 7.53 -28.87
CA GLY C 620 21.42 6.17 -28.42
C GLY C 620 21.69 5.92 -26.96
N LEU C 621 22.09 6.94 -26.20
CA LEU C 621 22.46 6.71 -24.81
C LEU C 621 21.24 6.52 -23.92
N ILE C 622 20.12 7.11 -24.28
CA ILE C 622 18.82 6.80 -23.69
C ILE C 622 17.93 6.32 -24.81
N LYS C 623 17.32 5.16 -24.66
CA LYS C 623 16.35 4.75 -25.64
C LYS C 623 14.97 4.78 -25.01
N LEU C 624 13.97 5.16 -25.80
CA LEU C 624 12.60 5.05 -25.34
C LEU C 624 12.15 3.61 -25.46
N ALA C 625 11.18 3.24 -24.65
CA ALA C 625 10.80 1.84 -24.66
C ALA C 625 9.31 1.62 -24.80
N ASN C 626 8.50 2.46 -24.17
CA ASN C 626 7.10 2.14 -24.01
C ASN C 626 6.35 3.37 -23.58
N GLY C 627 5.16 3.57 -24.14
CA GLY C 627 4.36 4.73 -23.81
C GLY C 627 2.93 4.32 -23.54
N ARG C 628 2.19 5.23 -22.93
CA ARG C 628 0.78 4.99 -22.67
C ARG C 628 0.00 6.24 -23.07
N VAL C 629 -1.29 6.23 -22.78
CA VAL C 629 -2.12 7.43 -22.70
C VAL C 629 -3.05 7.17 -21.53
N ILE C 630 -2.89 7.91 -20.45
CA ILE C 630 -3.67 7.67 -19.24
C ILE C 630 -4.69 8.78 -19.14
N GLU C 631 -5.94 8.42 -18.89
CA GLU C 631 -6.99 9.40 -18.67
C GLU C 631 -7.47 9.24 -17.23
N LYS C 632 -6.78 9.87 -16.30
CA LYS C 632 -7.05 9.70 -14.89
C LYS C 632 -7.61 11.00 -14.32
N THR C 633 -8.05 10.93 -13.07
CA THR C 633 -8.78 12.03 -12.46
C THR C 633 -7.84 12.92 -11.67
N ILE C 634 -7.82 14.20 -12.01
CA ILE C 634 -7.05 15.20 -11.29
C ILE C 634 -8.03 16.16 -10.65
N TYR C 635 -7.72 16.58 -9.42
CA TYR C 635 -8.58 17.49 -8.67
C TYR C 635 -8.45 18.90 -9.25
N ASN C 636 -9.58 19.46 -9.67
CA ASN C 636 -9.65 20.82 -10.19
C ASN C 636 -10.15 21.72 -9.06
N LYS C 637 -9.62 22.94 -8.98
CA LYS C 637 -9.81 23.74 -7.77
C LYS C 637 -11.21 24.33 -7.66
N LYS C 638 -11.86 24.62 -8.78
CA LYS C 638 -13.13 25.36 -8.72
C LYS C 638 -14.31 24.48 -8.36
N ILE C 639 -14.29 23.20 -8.74
CA ILE C 639 -15.42 22.30 -8.60
C ILE C 639 -14.82 21.10 -7.85
N GLY C 640 -15.56 20.00 -7.72
CA GLY C 640 -15.00 18.78 -7.18
C GLY C 640 -14.03 18.12 -8.15
N ARG C 641 -13.77 16.84 -7.88
CA ARG C 641 -12.73 16.08 -8.55
C ARG C 641 -13.07 15.71 -9.99
N ASP C 642 -14.25 16.06 -10.48
CA ASP C 642 -14.68 15.64 -11.80
C ASP C 642 -13.94 16.39 -12.91
N GLU C 643 -12.70 15.99 -13.18
CA GLU C 643 -11.94 16.53 -14.30
C GLU C 643 -10.97 15.47 -14.78
N PRO C 644 -11.37 14.64 -15.74
CA PRO C 644 -10.43 13.70 -16.34
C PRO C 644 -9.49 14.41 -17.29
N ALA C 645 -8.19 14.30 -17.03
CA ALA C 645 -7.17 14.87 -17.90
C ALA C 645 -6.33 13.75 -18.51
N LEU C 646 -5.74 14.01 -19.67
CA LEU C 646 -5.10 12.96 -20.46
C LEU C 646 -3.59 13.05 -20.31
N PHE C 647 -3.02 12.23 -19.43
CA PHE C 647 -1.58 12.12 -19.29
C PHE C 647 -1.02 11.18 -20.36
N VAL C 648 0.31 11.09 -20.47
CA VAL C 648 0.96 10.34 -21.54
C VAL C 648 1.92 9.28 -21.01
N ALA C 649 2.90 9.67 -20.20
CA ALA C 649 3.80 8.76 -19.49
C ALA C 649 4.60 7.84 -20.43
N LEU C 650 5.53 8.44 -21.17
CA LEU C 650 6.54 7.67 -21.88
C LEU C 650 7.54 7.11 -20.88
N THR C 651 8.08 5.92 -21.14
CA THR C 651 8.96 5.21 -20.22
C THR C 651 10.34 5.06 -20.84
N PHE C 652 11.36 5.59 -20.18
CA PHE C 652 12.68 5.76 -20.75
C PHE C 652 13.66 4.81 -20.09
N GLU C 653 14.47 4.14 -20.89
CA GLU C 653 15.52 3.25 -20.39
C GLU C 653 16.88 3.87 -20.65
N ARG C 654 17.78 3.75 -19.69
CA ARG C 654 19.13 4.27 -19.86
C ARG C 654 19.98 3.22 -20.58
N ARG C 655 21.04 3.68 -21.23
CA ARG C 655 22.02 2.77 -21.83
C ARG C 655 23.46 3.21 -21.63
N GLU C 656 23.73 4.16 -20.74
CA GLU C 656 25.09 4.52 -20.36
C GLU C 656 25.13 4.67 -18.86
N VAL C 657 26.12 4.04 -18.24
CA VAL C 657 26.11 3.73 -16.82
C VAL C 657 27.55 3.81 -16.30
N VAL C 658 27.72 4.46 -15.14
CA VAL C 658 29.05 4.66 -14.59
C VAL C 658 29.59 3.33 -14.05
N ASP C 659 30.88 3.09 -14.24
CA ASP C 659 31.45 1.83 -13.83
C ASP C 659 31.98 1.93 -12.41
N PRO C 660 31.74 0.95 -11.57
CA PRO C 660 32.29 1.00 -10.21
C PRO C 660 33.80 0.83 -10.13
N SER C 661 34.48 1.96 -9.87
CA SER C 661 35.86 2.00 -9.42
C SER C 661 36.00 2.96 -8.25
N ASN C 662 34.96 3.02 -7.41
CA ASN C 662 34.91 3.84 -6.21
C ASN C 662 34.66 2.96 -5.01
N ILE C 663 35.37 3.24 -3.92
CA ILE C 663 35.34 2.38 -2.75
C ILE C 663 34.73 3.11 -1.56
N LYS C 664 34.96 4.42 -1.47
CA LYS C 664 34.53 5.30 -0.38
C LYS C 664 35.07 4.82 0.96
N PRO C 665 36.35 5.06 1.26
CA PRO C 665 36.92 4.60 2.54
C PRO C 665 36.38 5.28 3.78
N VAL C 666 36.48 6.61 3.89
CA VAL C 666 36.28 7.28 5.17
C VAL C 666 34.78 7.47 5.27
N ASN C 667 34.08 6.41 5.65
CA ASN C 667 32.72 6.42 5.18
C ASN C 667 31.60 6.31 6.20
N LEU C 668 31.29 5.06 6.54
CA LEU C 668 30.47 4.58 7.66
C LEU C 668 29.33 5.51 8.11
N ILE C 669 28.55 6.02 7.16
CA ILE C 669 27.40 6.83 7.57
C ILE C 669 26.29 5.91 8.03
N GLY C 670 25.89 6.07 9.28
CA GLY C 670 24.89 5.23 9.88
C GLY C 670 23.45 5.68 9.82
N VAL C 671 22.76 5.52 8.70
CA VAL C 671 21.33 5.83 8.66
C VAL C 671 20.60 4.93 9.65
N ALA C 672 19.74 5.51 10.47
CA ALA C 672 19.01 4.77 11.50
C ALA C 672 17.58 5.26 11.53
N ARG C 673 16.72 4.62 10.77
CA ARG C 673 15.39 5.14 10.48
C ARG C 673 14.46 5.02 11.68
N GLY C 674 13.42 5.86 11.66
CA GLY C 674 12.45 5.91 12.75
C GLY C 674 11.14 6.45 12.25
N GLU C 675 10.23 6.74 13.19
CA GLU C 675 8.91 7.26 12.87
C GLU C 675 8.65 8.65 13.43
N ASN C 676 9.13 8.95 14.64
CA ASN C 676 8.96 10.28 15.21
C ASN C 676 9.87 11.28 14.49
N ILE C 677 11.03 10.83 14.07
CA ILE C 677 11.98 11.62 13.29
C ILE C 677 12.74 10.68 12.36
N PRO C 678 12.36 10.59 11.09
CA PRO C 678 12.96 9.59 10.22
C PRO C 678 14.37 9.98 9.82
N ALA C 679 15.23 8.97 9.63
CA ALA C 679 16.52 9.09 8.98
C ALA C 679 17.46 10.08 9.68
N VAL C 680 17.86 9.70 10.87
CA VAL C 680 18.87 10.45 11.63
C VAL C 680 20.25 9.88 11.32
N ILE C 681 21.23 10.76 11.15
CA ILE C 681 22.50 10.43 10.49
C ILE C 681 23.63 10.59 11.50
N ALA C 682 24.62 9.69 11.44
CA ALA C 682 25.88 9.89 12.13
C ALA C 682 27.01 9.44 11.22
N LEU C 683 28.08 10.22 11.16
CA LEU C 683 29.21 9.97 10.30
C LEU C 683 30.41 9.58 11.13
N THR C 684 31.18 8.61 10.66
CA THR C 684 32.38 8.17 11.36
C THR C 684 33.43 7.60 10.41
N ASP C 685 34.69 7.82 10.78
CA ASP C 685 35.92 7.36 10.12
C ASP C 685 35.96 5.84 10.16
N PRO C 686 36.72 5.15 9.29
CA PRO C 686 36.57 3.69 9.21
C PRO C 686 37.13 2.93 10.39
N GLU C 687 37.87 3.57 11.28
CA GLU C 687 38.29 2.88 12.50
C GLU C 687 37.14 2.79 13.50
N GLY C 688 36.26 3.78 13.54
CA GLY C 688 35.15 3.79 14.46
C GLY C 688 34.89 5.14 15.08
N CYS C 689 35.92 5.96 15.20
CA CYS C 689 35.81 7.26 15.84
C CYS C 689 35.12 8.26 14.92
N PRO C 690 34.17 9.06 15.45
CA PRO C 690 33.48 10.08 14.65
C PRO C 690 34.37 11.23 14.22
N LEU C 705 22.99 15.29 12.47
CA LEU C 705 22.06 15.65 11.42
C LEU C 705 20.75 14.91 11.59
N ARG C 706 19.66 15.56 11.22
CA ARG C 706 18.32 15.10 11.55
C ARG C 706 17.41 15.23 10.34
N ILE C 707 17.84 14.66 9.22
CA ILE C 707 17.23 14.81 7.90
C ILE C 707 15.75 14.45 7.86
N GLY C 708 14.91 15.43 7.57
CA GLY C 708 13.46 15.25 7.56
C GLY C 708 12.85 15.48 8.92
N GLU C 709 13.14 16.65 9.51
CA GLU C 709 12.88 16.93 10.92
C GLU C 709 11.41 16.93 11.30
N GLY C 710 10.63 17.86 10.78
CA GLY C 710 9.23 17.89 11.14
C GLY C 710 8.36 17.18 10.12
N TYR C 711 8.06 15.93 10.39
CA TYR C 711 7.25 15.20 9.43
C TYR C 711 6.05 14.54 10.07
N LYS C 712 6.17 14.04 11.30
CA LYS C 712 5.05 13.37 11.93
C LYS C 712 3.96 14.36 12.31
N GLU C 713 4.32 15.61 12.60
CA GLU C 713 3.33 16.60 13.01
C GLU C 713 2.42 16.99 11.85
N LYS C 714 2.99 17.13 10.63
CA LYS C 714 2.18 17.47 9.46
C LYS C 714 1.22 16.35 9.11
N GLN C 715 1.68 15.10 9.22
CA GLN C 715 0.83 13.97 8.92
C GLN C 715 -0.25 13.78 9.97
N ARG C 716 0.06 14.03 11.24
CA ARG C 716 -0.99 13.95 12.26
C ARG C 716 -1.99 15.08 12.12
N ALA C 717 -1.56 16.25 11.63
CA ALA C 717 -2.51 17.34 11.42
C ALA C 717 -3.42 17.05 10.24
N ILE C 718 -2.89 16.44 9.18
CA ILE C 718 -3.73 16.07 8.04
C ILE C 718 -4.71 14.98 8.44
N GLN C 719 -4.28 14.02 9.25
CA GLN C 719 -5.21 13.01 9.74
C GLN C 719 -6.22 13.59 10.72
N ALA C 720 -5.86 14.64 11.45
CA ALA C 720 -6.84 15.30 12.31
C ALA C 720 -7.88 16.05 11.48
N ALA C 721 -7.46 16.61 10.34
CA ALA C 721 -8.43 17.26 9.47
C ALA C 721 -9.37 16.26 8.82
N LYS C 722 -8.85 15.09 8.43
CA LYS C 722 -9.73 14.06 7.88
C LYS C 722 -10.64 13.46 8.95
N GLU C 723 -10.16 13.36 10.19
CA GLU C 723 -11.00 12.78 11.25
C GLU C 723 -12.02 13.78 11.74
N VAL C 724 -11.79 15.08 11.51
CA VAL C 724 -12.85 16.06 11.76
C VAL C 724 -13.86 16.01 10.63
N GLU C 725 -13.41 15.98 9.38
CA GLU C 725 -14.36 15.90 8.27
C GLU C 725 -14.91 14.51 8.04
N GLN C 726 -14.65 13.55 8.93
CA GLN C 726 -15.33 12.25 8.87
C GLN C 726 -16.32 12.04 10.00
N ARG C 727 -16.18 12.74 11.12
CA ARG C 727 -17.09 12.52 12.25
C ARG C 727 -18.45 13.11 11.95
N ARG C 728 -18.52 14.42 11.80
CA ARG C 728 -19.61 15.00 11.04
C ARG C 728 -19.39 14.71 9.57
N ALA C 729 -20.48 14.79 8.80
CA ALA C 729 -20.44 14.86 7.34
C ALA C 729 -19.78 13.62 6.74
N GLY C 730 -20.46 12.48 6.87
CA GLY C 730 -19.90 11.14 6.86
C GLY C 730 -18.79 10.73 5.90
N GLY C 731 -18.64 11.45 4.78
CA GLY C 731 -17.57 11.15 3.85
C GLY C 731 -16.26 11.89 4.08
N TYR C 732 -15.69 12.46 3.01
CA TYR C 732 -14.27 12.82 3.02
C TYR C 732 -13.94 14.19 2.48
N SER C 733 -14.86 14.86 1.75
CA SER C 733 -14.65 16.16 1.11
C SER C 733 -13.46 16.16 0.18
N ARG C 734 -13.55 15.44 -0.95
CA ARG C 734 -12.38 14.93 -1.66
C ARG C 734 -11.52 16.00 -2.31
N LYS C 735 -10.91 16.83 -1.48
CA LYS C 735 -9.80 17.70 -1.82
C LYS C 735 -8.49 17.16 -1.28
N PHE C 736 -8.45 16.79 0.00
CA PHE C 736 -7.28 16.14 0.57
C PHE C 736 -7.44 14.63 0.63
N ALA C 737 -8.05 14.06 -0.40
CA ALA C 737 -7.94 12.63 -0.63
C ALA C 737 -6.68 12.27 -1.41
N SER C 738 -5.82 13.23 -1.68
CA SER C 738 -4.51 12.90 -2.22
C SER C 738 -3.43 13.78 -1.61
N LYS C 739 -3.62 14.23 -0.37
CA LYS C 739 -2.66 15.11 0.26
C LYS C 739 -1.58 14.31 0.98
N SER C 740 -1.98 13.20 1.59
CA SER C 740 -1.07 12.46 2.46
C SER C 740 0.03 11.77 1.66
N ARG C 741 -0.31 11.16 0.52
CA ARG C 741 0.72 10.54 -0.31
C ARG C 741 1.63 11.57 -0.94
N ASN C 742 1.11 12.75 -1.28
CA ASN C 742 1.95 13.76 -1.90
C ASN C 742 2.94 14.33 -0.90
N LEU C 743 2.51 14.55 0.34
CA LEU C 743 3.45 15.00 1.37
C LEU C 743 4.45 13.90 1.73
N ALA C 744 3.99 12.64 1.75
CA ALA C 744 4.89 11.53 2.03
C ALA C 744 5.95 11.37 0.95
N ASP C 745 5.56 11.52 -0.31
CA ASP C 745 6.52 11.38 -1.38
C ASP C 745 7.46 12.58 -1.42
N ASP C 746 6.97 13.77 -1.06
CA ASP C 746 7.88 14.92 -1.00
C ASP C 746 8.94 14.75 0.08
N MET C 747 8.55 14.24 1.25
CA MET C 747 9.54 14.01 2.31
C MET C 747 10.48 12.87 1.95
N VAL C 748 9.97 11.79 1.36
CA VAL C 748 10.81 10.64 1.04
C VAL C 748 11.84 11.00 -0.01
N ARG C 749 11.44 11.73 -1.05
CA ARG C 749 12.40 12.05 -2.10
C ARG C 749 13.34 13.17 -1.68
N ASN C 750 12.90 14.10 -0.83
CA ASN C 750 13.85 15.09 -0.31
C ASN C 750 14.87 14.46 0.63
N SER C 751 14.45 13.52 1.48
CA SER C 751 15.41 12.88 2.37
C SER C 751 16.30 11.90 1.61
N ALA C 752 15.82 11.32 0.52
CA ALA C 752 16.68 10.47 -0.30
C ALA C 752 17.73 11.29 -1.01
N ARG C 753 17.36 12.49 -1.47
CA ARG C 753 18.34 13.44 -1.99
C ARG C 753 19.39 13.78 -0.93
N ASP C 754 18.96 14.01 0.30
CA ASP C 754 19.90 14.42 1.33
C ASP C 754 20.84 13.28 1.74
N LEU C 755 20.33 12.05 1.77
CA LEU C 755 21.21 10.90 2.06
C LEU C 755 22.20 10.68 0.92
N PHE C 756 21.76 10.85 -0.32
CA PHE C 756 22.66 10.66 -1.44
C PHE C 756 23.72 11.75 -1.49
N TYR C 757 23.36 12.98 -1.15
CA TYR C 757 24.34 14.07 -1.12
C TYR C 757 25.37 13.85 -0.03
N HIS C 758 24.92 13.48 1.18
CA HIS C 758 25.86 13.23 2.27
C HIS C 758 26.65 11.96 2.05
N ALA C 759 26.18 11.05 1.20
CA ALA C 759 26.99 9.89 0.87
C ALA C 759 28.08 10.25 -0.11
N VAL C 760 27.77 11.09 -1.10
CA VAL C 760 28.74 11.34 -2.15
C VAL C 760 29.80 12.34 -1.70
N THR C 761 29.39 13.44 -1.07
CA THR C 761 30.34 14.51 -0.79
C THR C 761 31.34 14.16 0.31
N HIS C 762 30.88 13.65 1.46
CA HIS C 762 31.76 13.24 2.54
C HIS C 762 32.35 11.85 2.33
N ASP C 763 32.24 11.28 1.12
CA ASP C 763 32.86 10.03 0.68
C ASP C 763 32.43 8.86 1.54
N ALA C 764 31.14 8.56 1.49
CA ALA C 764 30.54 7.68 2.48
C ALA C 764 30.03 6.38 1.88
N VAL C 765 29.71 5.46 2.76
CA VAL C 765 29.07 4.18 2.46
C VAL C 765 27.91 4.07 3.41
N LEU C 766 26.69 4.23 2.89
CA LEU C 766 25.53 4.26 3.76
C LEU C 766 25.27 2.89 4.35
N VAL C 767 25.21 2.83 5.67
CA VAL C 767 24.93 1.61 6.40
C VAL C 767 23.52 1.75 6.93
N PHE C 768 22.59 1.04 6.34
CA PHE C 768 21.23 1.07 6.85
C PHE C 768 21.08 0.10 7.99
N ALA C 769 19.85 -0.14 8.38
CA ALA C 769 19.56 -1.19 9.35
C ALA C 769 18.58 -2.15 8.70
N ASN C 770 18.84 -3.45 8.85
CA ASN C 770 18.08 -4.47 8.13
C ASN C 770 16.70 -4.60 8.77
N LEU C 771 15.80 -3.72 8.33
CA LEU C 771 14.46 -3.69 8.90
C LEU C 771 13.49 -4.67 8.27
N SER C 772 13.97 -5.59 7.40
CA SER C 772 13.19 -6.73 6.92
C SER C 772 11.91 -6.33 6.18
N ARG C 773 12.06 -5.83 4.94
CA ARG C 773 11.13 -5.03 4.15
C ARG C 773 9.64 -5.29 4.35
N GLY C 774 8.89 -4.23 4.60
CA GLY C 774 7.53 -4.35 5.06
C GLY C 774 7.39 -4.15 6.55
N PHE C 775 8.19 -3.30 7.15
CA PHE C 775 8.22 -3.16 8.60
C PHE C 775 7.28 -2.07 9.05
N GLY C 776 6.56 -2.31 10.14
CA GLY C 776 5.63 -1.32 10.64
C GLY C 776 5.22 -1.58 12.06
N ARG C 777 4.50 -0.62 12.63
CA ARG C 777 3.98 -0.82 13.97
C ARG C 777 2.83 -1.80 13.98
N GLN C 778 1.84 -1.59 13.12
CA GLN C 778 0.73 -2.51 12.83
C GLN C 778 -0.09 -2.81 14.10
N GLY C 779 -0.52 -1.72 14.72
CA GLY C 779 -1.24 -1.78 15.97
C GLY C 779 -2.63 -1.20 15.87
N LYS C 780 -2.94 -0.21 16.70
CA LYS C 780 -4.28 0.38 16.74
C LYS C 780 -4.33 1.75 16.09
N ARG C 781 -3.39 2.64 16.39
CA ARG C 781 -3.42 4.00 15.83
C ARG C 781 -2.22 4.29 14.93
N THR C 782 -1.84 3.37 14.05
CA THR C 782 -0.80 3.65 13.07
C THR C 782 -1.42 3.85 11.68
N PHE C 783 -1.37 5.08 11.22
CA PHE C 783 -1.78 5.34 9.85
C PHE C 783 -0.67 4.90 8.91
N MET C 784 -1.07 4.45 7.72
CA MET C 784 -0.13 3.81 6.82
C MET C 784 0.88 4.76 6.22
N THR C 785 0.64 6.07 6.32
CA THR C 785 1.60 7.03 5.81
C THR C 785 2.85 7.09 6.66
N GLU C 786 2.73 6.87 7.96
CA GLU C 786 3.85 6.89 8.87
C GLU C 786 4.65 5.58 8.86
N ARG C 787 4.30 4.65 7.99
CA ARG C 787 5.02 3.39 7.85
C ARG C 787 5.93 3.49 6.63
N GLN C 788 7.06 4.15 6.79
CA GLN C 788 7.93 4.40 5.66
C GLN C 788 9.40 4.13 5.97
N TYR C 789 9.69 2.98 6.56
CA TYR C 789 11.08 2.57 6.72
C TYR C 789 11.57 1.79 5.52
N THR C 790 10.66 1.28 4.71
CA THR C 790 11.02 0.55 3.51
C THR C 790 11.15 1.48 2.31
N LYS C 791 10.33 2.52 2.25
CA LYS C 791 10.28 3.36 1.06
C LYS C 791 11.53 4.22 0.91
N MET C 792 12.19 4.58 2.01
CA MET C 792 13.44 5.33 1.88
C MET C 792 14.56 4.48 1.32
N GLU C 793 14.66 3.23 1.77
CA GLU C 793 15.62 2.29 1.21
C GLU C 793 15.29 1.99 -0.25
N ASP C 794 14.00 1.93 -0.58
CA ASP C 794 13.58 1.67 -1.95
C ASP C 794 13.95 2.84 -2.87
N TRP C 795 13.74 4.07 -2.40
CA TRP C 795 14.07 5.21 -3.24
C TRP C 795 15.56 5.42 -3.35
N LEU C 796 16.31 5.14 -2.29
CA LEU C 796 17.76 5.28 -2.38
C LEU C 796 18.35 4.21 -3.28
N THR C 797 17.76 3.01 -3.29
CA THR C 797 18.22 2.01 -4.25
C THR C 797 17.82 2.36 -5.67
N ALA C 798 16.59 2.83 -5.87
CA ALA C 798 16.13 3.11 -7.23
C ALA C 798 16.68 4.44 -7.75
N LYS C 799 17.39 5.19 -6.91
CA LYS C 799 18.24 6.25 -7.44
C LYS C 799 19.71 5.88 -7.40
N LEU C 800 20.06 4.75 -6.80
CA LEU C 800 21.39 4.22 -6.96
C LEU C 800 21.42 3.06 -7.94
N ALA C 801 20.30 2.76 -8.60
CA ALA C 801 20.33 1.85 -9.73
C ALA C 801 20.43 2.63 -11.02
N TYR C 802 19.51 3.57 -11.23
CA TYR C 802 19.75 4.67 -12.15
C TYR C 802 20.95 5.48 -11.66
N GLU C 803 21.61 6.16 -12.60
CA GLU C 803 22.95 6.71 -12.43
C GLU C 803 23.94 5.64 -11.99
N GLY C 804 23.76 4.44 -12.53
CA GLY C 804 24.84 3.49 -12.64
C GLY C 804 25.10 2.39 -11.64
N LEU C 805 25.20 2.71 -10.36
CA LEU C 805 25.79 1.81 -9.39
C LEU C 805 24.83 0.67 -9.03
N THR C 806 25.22 -0.13 -8.05
CA THR C 806 24.37 -1.17 -7.49
C THR C 806 24.20 -0.95 -6.00
N SER C 807 23.59 -1.94 -5.35
CA SER C 807 23.48 -1.93 -3.89
C SER C 807 24.66 -2.68 -3.25
N LYS C 808 25.88 -2.36 -3.69
CA LYS C 808 27.06 -2.97 -3.11
C LYS C 808 28.23 -1.99 -3.00
N THR C 809 28.07 -0.73 -3.37
CA THR C 809 29.16 0.23 -3.28
C THR C 809 28.83 1.52 -2.57
N TYR C 810 27.58 2.00 -2.61
CA TYR C 810 27.15 3.09 -1.75
C TYR C 810 25.95 2.74 -0.88
N LEU C 811 25.64 1.46 -0.68
CA LEU C 811 24.54 1.09 0.19
C LEU C 811 24.78 -0.32 0.71
N SER C 812 25.25 -0.43 1.94
CA SER C 812 25.41 -1.72 2.59
C SER C 812 24.34 -1.84 3.66
N LYS C 813 24.22 -3.02 4.25
CA LYS C 813 23.22 -3.24 5.28
C LYS C 813 23.77 -4.14 6.37
N THR C 814 23.66 -3.71 7.61
CA THR C 814 24.11 -4.46 8.77
C THR C 814 22.91 -5.05 9.48
N LEU C 815 23.19 -5.87 10.48
CA LEU C 815 22.15 -6.39 11.34
C LEU C 815 21.72 -5.33 12.34
N ALA C 816 20.43 -5.29 12.63
CA ALA C 816 19.90 -4.36 13.61
C ALA C 816 19.71 -5.00 14.97
N GLN C 817 20.31 -6.17 15.20
CA GLN C 817 20.16 -6.85 16.47
C GLN C 817 20.98 -6.14 17.53
N TYR C 818 20.29 -5.70 18.59
CA TYR C 818 20.85 -5.11 19.80
C TYR C 818 21.59 -3.80 19.56
N THR C 819 21.42 -3.19 18.40
CA THR C 819 21.75 -1.78 18.25
C THR C 819 20.62 -0.95 18.81
N SER C 820 20.91 0.35 19.00
CA SER C 820 20.01 1.33 19.62
C SER C 820 19.56 0.95 21.02
N LYS C 821 20.32 0.11 21.70
CA LYS C 821 20.02 -0.28 23.07
C LYS C 821 21.23 -0.20 23.98
N THR C 822 22.44 -0.29 23.46
CA THR C 822 23.65 -0.24 24.27
C THR C 822 24.23 1.16 24.24
N CYS C 823 24.55 1.69 25.41
CA CYS C 823 25.11 3.02 25.52
C CYS C 823 26.50 3.08 24.92
N SER C 824 26.92 4.28 24.55
CA SER C 824 28.19 4.46 23.87
C SER C 824 29.38 4.55 24.82
N ASN C 825 29.21 4.23 26.10
CA ASN C 825 30.34 4.08 27.02
C ASN C 825 30.17 2.85 27.90
N CYS C 826 29.24 1.97 27.56
CA CYS C 826 28.81 0.87 28.42
C CYS C 826 28.43 -0.29 27.52
N GLY C 827 27.66 -1.23 28.07
CA GLY C 827 27.04 -2.28 27.28
C GLY C 827 25.56 -2.39 27.56
N UNK C 829 19.83 -2.96 28.37
CA UNK C 829 20.38 -4.30 28.50
C UNK C 829 19.42 -5.32 27.89
N UNK C 830 19.75 -6.60 28.01
CA UNK C 830 18.95 -7.65 27.39
C UNK C 830 18.00 -8.34 28.35
N UNK C 831 18.57 -9.01 29.36
CA UNK C 831 17.80 -9.80 30.31
C UNK C 831 17.64 -9.08 31.64
N UNK C 832 16.49 -8.45 31.83
CA UNK C 832 16.18 -7.76 33.07
C UNK C 832 15.67 -8.78 34.08
N UNK C 833 16.59 -9.36 34.83
CA UNK C 833 16.25 -10.38 35.82
C UNK C 833 15.95 -9.77 37.18
N UNK C 834 14.75 -10.04 37.67
CA UNK C 834 14.34 -9.61 39.01
C UNK C 834 14.46 -10.77 39.98
N UNK C 835 15.39 -11.67 39.70
CA UNK C 835 15.66 -12.81 40.57
C UNK C 835 16.28 -12.32 41.86
N UNK C 836 17.11 -11.30 41.76
CA UNK C 836 17.57 -10.59 42.94
C UNK C 836 16.41 -9.71 43.38
N UNK C 837 16.25 -9.52 44.68
CA UNK C 837 15.11 -8.77 45.21
C UNK C 837 15.27 -7.27 44.96
N UNK C 842 11.77 -6.73 49.13
CA UNK C 842 11.39 -5.80 48.08
C UNK C 842 11.53 -4.36 48.55
N UNK C 843 12.62 -4.07 49.27
CA UNK C 843 12.83 -2.76 49.87
C UNK C 843 13.15 -1.70 48.83
N UNK C 860 16.59 -4.96 46.80
CA UNK C 860 16.99 -4.11 45.69
C UNK C 860 17.79 -4.90 44.65
N UNK C 861 17.76 -4.45 43.40
CA UNK C 861 18.44 -5.16 42.32
C UNK C 861 19.93 -4.88 42.34
N UNK C 862 20.68 -5.61 41.50
CA UNK C 862 22.13 -5.47 41.47
C UNK C 862 22.64 -5.00 40.10
N UNK C 863 21.73 -4.92 39.12
CA UNK C 863 22.01 -4.48 37.75
C UNK C 863 23.13 -5.27 37.08
N UNK C 864 23.99 -4.58 36.35
CA UNK C 864 25.14 -5.22 35.72
C UNK C 864 26.20 -5.48 36.78
N UNK C 865 27.22 -4.64 36.81
CA UNK C 865 28.17 -4.66 37.90
C UNK C 865 27.60 -3.82 39.04
N UNK C 866 28.28 -3.84 40.19
CA UNK C 866 27.90 -3.08 41.39
C UNK C 866 26.48 -3.36 41.86
N UNK C 867 25.73 -2.29 42.15
CA UNK C 867 24.38 -2.42 42.65
C UNK C 867 23.50 -1.26 42.20
N UNK C 868 22.30 -1.20 42.75
CA UNK C 868 21.37 -0.12 42.45
C UNK C 868 20.55 0.18 43.69
N UNK C 869 19.26 0.47 43.50
CA UNK C 869 18.37 0.76 44.61
C UNK C 869 16.91 0.49 44.23
N UNK C 870 16.01 1.30 44.77
CA UNK C 870 14.61 1.25 44.40
C UNK C 870 14.11 2.69 44.35
N UNK C 871 12.97 2.96 45.00
CA UNK C 871 12.37 4.29 45.14
C UNK C 871 12.13 4.99 43.81
N UNK C 872 10.93 4.82 43.27
CA UNK C 872 10.71 5.10 41.86
C UNK C 872 9.71 6.20 41.55
N UNK C 873 9.20 6.14 40.32
CA UNK C 873 8.15 7.04 39.84
C UNK C 873 7.47 6.38 38.64
N UNK C 874 6.97 5.17 38.84
CA UNK C 874 6.44 4.34 37.74
C UNK C 874 5.16 4.91 37.14
N UNK C 875 5.20 5.19 35.85
CA UNK C 875 4.05 5.79 35.17
C UNK C 875 3.46 4.86 34.12
N UNK C 876 2.29 4.30 34.42
CA UNK C 876 1.53 3.48 33.49
C UNK C 876 0.05 3.81 33.68
N UNK C 877 -0.37 4.93 33.11
CA UNK C 877 -1.68 5.51 33.41
C UNK C 877 -2.86 4.76 32.78
N UNK C 878 -3.02 4.93 31.46
CA UNK C 878 -4.18 4.50 30.66
C UNK C 878 -5.51 5.08 31.18
N UNK C 879 -5.41 6.23 31.84
CA UNK C 879 -6.52 7.01 32.37
C UNK C 879 -5.93 8.34 32.85
N UNK C 880 -5.55 8.36 34.12
CA UNK C 880 -4.84 9.49 34.74
C UNK C 880 -4.21 9.03 36.06
N UNK C 881 -3.39 7.99 36.00
CA UNK C 881 -2.86 7.37 37.22
C UNK C 881 -1.36 7.09 37.16
N UNK C 882 -0.81 6.71 38.31
CA UNK C 882 0.61 6.38 38.45
C UNK C 882 0.81 5.54 39.71
N UNK C 883 2.01 5.59 40.26
CA UNK C 883 2.35 4.95 41.53
C UNK C 883 3.63 5.54 42.10
N UNK C 884 4.33 4.73 42.90
CA UNK C 884 5.63 5.11 43.43
C UNK C 884 6.59 3.94 43.29
N UNK C 885 6.01 2.76 43.04
CA UNK C 885 6.72 1.49 42.82
C UNK C 885 7.69 1.09 43.93
N UNK C 886 7.34 1.47 45.15
CA UNK C 886 8.01 0.97 46.34
C UNK C 886 6.88 0.49 47.23
N UNK C 887 5.90 1.35 47.38
CA UNK C 887 4.66 1.03 48.07
C UNK C 887 3.88 -0.01 47.27
N UNK C 888 3.94 0.10 45.94
CA UNK C 888 3.28 -0.85 45.06
C UNK C 888 3.93 -2.22 45.18
N UNK C 889 5.26 -2.21 45.26
CA UNK C 889 6.03 -3.43 45.44
C UNK C 889 5.74 -4.08 46.79
N UNK C 890 5.62 -3.25 47.82
CA UNK C 890 5.32 -3.76 49.16
C UNK C 890 3.90 -4.31 49.26
N UNK C 891 2.96 -3.65 48.59
CA UNK C 891 1.56 -4.07 48.59
C UNK C 891 1.38 -5.35 47.80
N UNK C 892 2.16 -5.51 46.74
CA UNK C 892 2.10 -6.75 45.96
C UNK C 892 3.21 -7.71 46.38
N UNK C 893 3.82 -7.46 47.54
CA UNK C 893 4.88 -8.32 48.04
C UNK C 893 4.63 -8.80 49.47
N UNK C 894 3.86 -8.02 50.23
CA UNK C 894 3.55 -8.26 51.65
C UNK C 894 4.81 -8.45 52.50
N UNK C 895 5.21 -9.70 52.70
CA UNK C 895 6.43 -10.02 53.44
C UNK C 895 6.94 -11.41 53.07
N UNK C 896 6.94 -11.71 51.77
CA UNK C 896 7.37 -13.02 51.31
C UNK C 896 8.34 -12.91 50.13
N UNK C 897 8.19 -11.85 49.34
CA UNK C 897 9.04 -11.51 48.18
C UNK C 897 9.15 -12.59 47.10
N UNK C 898 9.72 -13.75 47.42
CA UNK C 898 9.88 -14.85 46.47
C UNK C 898 8.54 -15.45 46.05
N UNK C 899 7.62 -15.55 46.99
CA UNK C 899 6.27 -16.04 46.70
C UNK C 899 5.51 -15.04 45.84
N UNK C 900 5.79 -13.76 46.04
CA UNK C 900 5.24 -12.69 45.23
C UNK C 900 5.84 -12.70 43.84
N UNK C 901 7.08 -13.18 43.73
CA UNK C 901 7.78 -13.28 42.44
C UNK C 901 7.27 -14.48 41.66
N UNK C 902 6.90 -15.53 42.38
CA UNK C 902 6.35 -16.75 41.77
C UNK C 902 4.89 -16.56 41.35
N UNK C 903 4.11 -15.89 42.18
CA UNK C 903 2.70 -15.68 41.90
C UNK C 903 2.48 -14.47 40.98
N UNK C 904 2.87 -13.30 41.45
CA UNK C 904 2.61 -12.06 40.73
C UNK C 904 3.77 -11.66 39.82
N UNK C 905 3.50 -10.75 38.89
CA UNK C 905 4.51 -10.24 37.98
C UNK C 905 4.99 -8.87 38.44
N UNK C 906 6.03 -8.86 39.26
CA UNK C 906 6.58 -7.62 39.79
C UNK C 906 7.63 -7.04 38.85
N UNK C 907 7.88 -7.73 37.74
CA UNK C 907 8.86 -7.30 36.75
C UNK C 907 8.33 -6.14 35.92
N UNK C 908 7.01 -5.93 35.95
CA UNK C 908 6.40 -4.83 35.21
C UNK C 908 6.83 -3.48 35.76
N UNK C 909 6.93 -3.36 37.08
CA UNK C 909 7.40 -2.12 37.70
C UNK C 909 8.88 -1.89 37.42
N UNK C 910 9.64 -2.97 37.40
CA UNK C 910 11.07 -2.91 37.12
C UNK C 910 11.32 -2.50 35.68
N UNK C 911 10.51 -3.01 34.75
CA UNK C 911 10.64 -2.65 33.35
C UNK C 911 9.85 -1.38 33.03
N UNK C 912 9.20 -0.81 34.02
CA UNK C 912 8.56 0.49 33.85
C UNK C 912 9.43 1.63 34.39
N ARG C 913 10.28 1.34 35.37
CA ARG C 913 11.18 2.39 35.86
C ARG C 913 12.63 2.15 35.47
N PHE C 914 13.19 1.00 35.84
CA PHE C 914 14.59 0.67 35.56
C PHE C 914 14.86 0.39 34.10
N SER C 915 13.86 0.40 33.23
CA SER C 915 14.12 0.25 31.80
C SER C 915 14.77 1.51 31.25
N HIS C 916 15.54 1.33 30.20
CA HIS C 916 16.00 2.42 29.37
C HIS C 916 14.82 3.08 28.67
N ARG C 917 15.08 4.28 28.11
CA ARG C 917 14.15 5.08 27.33
C ARG C 917 12.86 5.39 28.09
N PRO C 918 12.91 6.25 29.13
CA PRO C 918 11.71 6.51 29.93
C PRO C 918 10.64 7.28 29.16
N VAL C 919 11.03 8.40 28.58
CA VAL C 919 10.20 9.11 27.62
C VAL C 919 10.61 8.56 26.25
N GLN C 920 9.70 8.58 25.28
CA GLN C 920 10.07 8.09 23.95
C GLN C 920 10.74 9.18 23.09
N GLU C 921 11.68 9.92 23.69
CA GLU C 921 12.74 10.60 22.98
C GLU C 921 14.10 10.23 23.54
N GLN C 922 14.28 10.33 24.86
CA GLN C 922 15.61 10.25 25.47
C GLN C 922 16.02 8.81 25.68
N PHE C 923 17.11 8.63 26.44
CA PHE C 923 17.74 7.34 26.66
C PHE C 923 18.68 7.46 27.84
N VAL C 924 18.54 6.55 28.81
CA VAL C 924 19.40 6.54 29.98
C VAL C 924 19.96 5.13 30.16
N CYS C 925 21.27 5.04 30.30
CA CYS C 925 21.92 3.77 30.55
C CYS C 925 21.71 3.38 32.01
N LEU C 926 22.06 2.14 32.34
CA LEU C 926 21.84 1.64 33.68
C LEU C 926 23.13 1.54 34.49
N ASP C 927 24.28 1.48 33.83
CA ASP C 927 25.56 1.52 34.51
C ASP C 927 26.40 2.74 34.20
N CYS C 928 26.14 3.46 33.10
CA CYS C 928 26.84 4.70 32.82
C CYS C 928 26.26 5.89 33.58
N GLY C 929 24.95 6.12 33.49
CA GLY C 929 24.41 7.39 33.91
C GLY C 929 24.58 8.41 32.80
N HIS C 930 23.87 8.21 31.70
CA HIS C 930 24.13 8.88 30.44
C HIS C 930 22.80 9.36 29.87
N GLU C 931 22.85 10.29 28.91
CA GLU C 931 21.62 10.84 28.32
C GLU C 931 21.88 11.40 26.93
N VAL C 932 21.54 10.62 25.89
CA VAL C 932 21.67 11.02 24.49
C VAL C 932 20.34 10.67 23.81
N HIS C 933 20.02 11.41 22.73
CA HIS C 933 18.73 11.48 22.04
C HIS C 933 18.18 10.13 21.52
N ALA C 934 18.92 9.02 21.63
CA ALA C 934 18.50 7.67 21.20
C ALA C 934 18.16 7.57 19.72
N ALA C 935 18.49 8.56 18.96
CA ALA C 935 18.47 8.59 17.51
C ALA C 935 19.80 9.06 16.97
N GLU C 936 20.43 10.03 17.62
CA GLU C 936 21.83 10.32 17.32
C GLU C 936 22.74 9.36 18.09
N GLN C 937 22.15 8.44 18.84
CA GLN C 937 22.88 7.31 19.42
C GLN C 937 22.40 5.99 18.85
N ALA C 938 21.27 5.99 18.14
CA ALA C 938 20.90 4.83 17.35
C ALA C 938 21.65 4.79 16.04
N ALA C 939 22.37 5.87 15.73
CA ALA C 939 23.08 5.95 14.47
C ALA C 939 24.56 5.68 14.66
N LEU C 940 25.12 6.03 15.82
CA LEU C 940 26.52 5.73 16.07
C LEU C 940 26.74 4.29 16.45
N ASN C 941 25.66 3.51 16.59
CA ASN C 941 25.83 2.07 16.81
C ASN C 941 25.57 1.27 15.54
N ILE C 942 24.72 1.78 14.65
CA ILE C 942 24.52 1.13 13.35
C ILE C 942 25.80 1.20 12.53
N ALA C 943 26.48 2.34 12.58
CA ALA C 943 27.80 2.42 11.97
C ALA C 943 28.84 1.63 12.74
N ARG C 944 28.61 1.30 14.00
CA ARG C 944 29.53 0.46 14.73
C ARG C 944 29.08 -0.99 14.80
N SER C 945 27.99 -1.34 14.13
CA SER C 945 27.63 -2.75 14.01
C SER C 945 28.10 -3.31 12.68
N TRP C 946 28.12 -2.48 11.64
CA TRP C 946 28.69 -2.90 10.37
C TRP C 946 30.19 -3.02 10.47
N LEU C 947 30.80 -2.25 11.38
CA LEU C 947 32.23 -2.37 11.59
C LEU C 947 32.56 -3.54 12.50
N PHE C 948 31.54 -4.20 13.04
CA PHE C 948 31.70 -5.44 13.80
C PHE C 948 31.42 -6.67 12.96
N LEU C 949 30.51 -6.58 12.00
CA LEU C 949 30.20 -7.73 11.13
C LEU C 949 31.38 -8.06 10.22
N ASN C 950 31.79 -7.14 9.36
CA ASN C 950 32.90 -7.40 8.46
C ASN C 950 34.18 -6.70 8.92
N SER C 951 34.65 -7.10 10.09
CA SER C 951 36.02 -6.81 10.52
C SER C 951 36.45 -8.00 11.39
N ASN C 952 37.14 -8.95 10.77
CA ASN C 952 37.42 -10.23 11.40
C ASN C 952 38.48 -10.08 12.47
N SER C 953 38.11 -9.60 13.66
CA SER C 953 39.17 -9.30 14.62
C SER C 953 39.42 -10.42 15.63
N THR C 954 38.52 -10.60 16.59
CA THR C 954 38.56 -11.79 17.42
C THR C 954 37.14 -12.22 17.74
N GLU C 955 36.27 -11.23 17.90
CA GLU C 955 34.92 -11.47 18.40
C GLU C 955 33.88 -11.53 17.31
N PHE C 956 34.30 -11.48 16.05
CA PHE C 956 33.45 -11.97 14.98
C PHE C 956 33.77 -13.41 14.61
N LYS C 957 35.00 -13.86 14.87
CA LYS C 957 35.29 -15.29 14.78
C LYS C 957 34.50 -16.07 15.82
N SER C 958 34.51 -15.61 17.06
CA SER C 958 33.49 -16.04 17.99
C SER C 958 32.14 -15.45 17.58
N TYR C 959 31.07 -16.19 17.88
CA TYR C 959 29.67 -16.11 17.42
C TYR C 959 29.54 -16.62 15.98
N LYS C 960 30.65 -16.86 15.29
CA LYS C 960 30.62 -17.58 14.03
C LYS C 960 31.05 -19.02 14.18
N SER C 961 32.00 -19.31 15.05
CA SER C 961 32.26 -20.67 15.48
C SER C 961 31.26 -21.14 16.53
N GLY C 962 30.52 -20.23 17.15
CA GLY C 962 29.46 -20.61 18.05
C GLY C 962 29.85 -20.69 19.50
N LYS C 963 30.90 -19.98 19.93
CA LYS C 963 31.29 -20.01 21.33
C LYS C 963 30.34 -19.18 22.19
N GLN C 964 30.21 -17.90 21.89
CA GLN C 964 29.34 -16.97 22.59
C GLN C 964 28.14 -16.60 21.72
N PRO C 965 27.05 -16.17 22.32
CA PRO C 965 25.94 -15.62 21.54
C PRO C 965 26.26 -14.20 21.07
N PHE C 966 25.28 -13.57 20.44
CA PHE C 966 25.52 -12.28 19.80
C PHE C 966 25.74 -11.16 20.82
N VAL C 967 25.03 -11.20 21.94
CA VAL C 967 25.09 -10.09 22.89
C VAL C 967 26.44 -10.05 23.59
N GLY C 968 26.90 -11.20 24.09
CA GLY C 968 28.19 -11.25 24.74
C GLY C 968 29.35 -10.98 23.80
N ALA C 969 29.24 -11.44 22.56
CA ALA C 969 30.29 -11.18 21.58
C ALA C 969 30.32 -9.71 21.20
N TRP C 970 29.16 -9.09 21.06
CA TRP C 970 29.15 -7.67 20.68
C TRP C 970 29.59 -6.78 21.82
N GLN C 971 29.23 -7.12 23.06
CA GLN C 971 29.69 -6.29 24.16
C GLN C 971 31.17 -6.51 24.44
N ALA C 972 31.69 -7.72 24.19
CA ALA C 972 33.12 -7.94 24.33
C ALA C 972 33.90 -7.32 23.18
N PHE C 973 33.25 -7.10 22.03
CA PHE C 973 33.89 -6.31 20.99
C PHE C 973 33.85 -4.83 21.33
N TYR C 974 32.74 -4.37 21.91
CA TYR C 974 32.54 -2.95 22.13
C TYR C 974 33.44 -2.47 23.26
N LYS C 975 33.43 -3.17 24.40
CA LYS C 975 34.26 -2.77 25.53
C LYS C 975 35.72 -3.11 25.34
N ARG C 976 36.07 -3.83 24.27
CA ARG C 976 37.48 -3.90 23.89
C ARG C 976 37.85 -2.72 23.00
N ARG C 977 36.94 -2.29 22.14
CA ARG C 977 37.26 -1.16 21.28
C ARG C 977 36.94 0.18 21.92
N LEU C 978 36.06 0.24 22.93
CA LEU C 978 35.70 1.55 23.49
C LEU C 978 36.78 2.08 24.42
N LYS C 979 37.85 1.32 24.63
CA LYS C 979 38.99 1.85 25.35
C LYS C 979 40.24 1.97 24.47
N GLU C 980 40.21 1.42 23.26
CA GLU C 980 41.41 1.41 22.44
C GLU C 980 41.37 2.48 21.35
N VAL C 981 40.28 2.55 20.60
CA VAL C 981 40.19 3.51 19.50
C VAL C 981 38.87 4.27 19.56
N TRP C 982 38.16 4.12 20.69
CA TRP C 982 36.80 4.66 20.91
C TRP C 982 35.84 4.21 19.82
N LYS C 983 35.87 2.93 19.50
CA LYS C 983 35.05 2.36 18.45
C LYS C 983 33.93 1.53 18.99
#